data_5LX5
#
_entry.id   5LX5
#
_cell.length_a   60.710
_cell.length_b   106.690
_cell.length_c   83.460
_cell.angle_alpha   90.00
_cell.angle_beta   96.76
_cell.angle_gamma   90.00
#
_symmetry.space_group_name_H-M   'P 1 21 1'
#
loop_
_entity.id
_entity.type
_entity.pdbx_description
1 polymer 'Nicotinamide phosphoribosyltransferase'
2 non-polymer '[(2~{R},3~{S},4~{R},5~{R})-5-[2-azanyl-5-[[[4-[6-(ethylamino)-5-(2-piperidin-1-ylethylcarbamoyl)pyridin-2-yl]-2-fluoranyl-phenyl]carbamoylamino]methyl]pyridin-1-ium-1-yl]-3,4-bis(oxidanyl)oxolan-2-yl]methyl dihydrogen phosphate'
3 non-polymer DIPHOSPHATE
4 water water
#
_entity_poly.entity_id   1
_entity_poly.type   'polypeptide(L)'
_entity_poly.pdbx_seq_one_letter_code
;GAMNPAAEAEFNILLATDSYKVTHYKQYPPNTSKVYSYFECREKKTENSKLRKVKYEETVFYGLQYILNKYLKGKVVTKE
KIQEAKDVYKEHFQDDVFNEKGWNYILEKYDGHLPIEIKAVPEGFVIPRGNVLFTVENTDPECYWLTNWIETILVQSWYP
ITVATNSREQKKILAKYLLETSGNLDGLEYKLHDFGYRGVSSQETAGIGASAHLVNFKGTDTVAGLALIKKYYGTKDPVP
GYSVPAAEHSTITAWGKDHEKDAFEHIVTQFSSVPVSVVSDSYDIYNACEKIWGEDLRHLIVSRSTQAPLIIRPDSGNPL
DTVLKVLEILGKKFPVTENSKGYKLLPPYLRVIQGDGVDINTLQEIVEGMKQKMWSIENIAFGSGGGLLQKLTRDLLNCS
FKCSYVVTNGLGINVFKDPVADPNKRSKKGRLSLHRTPAGNFVTLEEGKGDLEEYGQDLLHTVFKNGKVTKSYSFDEIRK
NAQLNIELEAAHH
;
_entity_poly.pdbx_strand_id   A,B
#
loop_
_chem_comp.id
_chem_comp.type
_chem_comp.name
_chem_comp.formula
7A0 non-polymer '[(2~{R},3~{S},4~{R},5~{R})-5-[2-azanyl-5-[[[4-[6-(ethylamino)-5-(2-piperidin-1-ylethylcarbamoyl)pyridin-2-yl]-2-fluoranyl-phenyl]carbamoylamino]methyl]pyridin-1-ium-1-yl]-3,4-bis(oxidanyl)oxolan-2-yl]methyl dihydrogen phosphate' 'C33 H45 F N8 O9 P 1'
DPO non-polymer DIPHOSPHATE 'O7 P2 -4'
#
# COMPACT_ATOMS: atom_id res chain seq x y z
N PHE A 11 6.64 3.53 18.52
CA PHE A 11 5.47 4.21 17.98
C PHE A 11 4.98 5.29 18.94
N ASN A 12 4.70 6.47 18.37
CA ASN A 12 4.24 7.61 19.14
C ASN A 12 2.97 8.20 18.53
N ILE A 13 1.84 7.94 19.17
CA ILE A 13 0.54 8.41 18.70
C ILE A 13 0.45 9.93 18.48
N LEU A 14 1.26 10.67 19.21
CA LEU A 14 1.29 12.12 19.04
C LEU A 14 1.87 12.50 17.68
N LEU A 15 2.62 11.57 17.08
CA LEU A 15 3.21 11.81 15.78
C LEU A 15 2.57 10.94 14.70
N ALA A 16 1.40 10.40 15.00
CA ALA A 16 0.72 9.51 14.05
C ALA A 16 -0.62 10.07 13.58
N THR A 17 -0.59 11.33 13.15
CA THR A 17 -1.78 12.00 12.63
C THR A 17 -1.36 12.91 11.46
N ASP A 18 -2.31 13.35 10.65
CA ASP A 18 -1.98 14.30 9.60
C ASP A 18 -1.54 15.56 10.35
N SER A 19 -0.48 16.20 9.85
CA SER A 19 0.04 17.42 10.48
C SER A 19 -1.00 18.45 10.86
N TYR A 20 -1.89 18.79 9.94
CA TYR A 20 -2.89 19.81 10.21
C TYR A 20 -3.76 19.55 11.45
N LYS A 21 -3.94 18.29 11.82
CA LYS A 21 -4.76 17.96 12.99
C LYS A 21 -4.13 18.46 14.29
N VAL A 22 -2.83 18.73 14.24
CA VAL A 22 -2.10 19.28 15.38
C VAL A 22 -2.68 20.66 15.72
N THR A 23 -3.18 21.35 14.71
CA THR A 23 -3.70 22.73 14.88
C THR A 23 -5.20 22.83 15.11
N HIS A 24 -5.90 21.71 15.01
CA HIS A 24 -7.35 21.72 15.15
C HIS A 24 -7.95 22.14 16.48
N TYR A 25 -7.24 21.90 17.58
CA TYR A 25 -7.74 22.27 18.91
C TYR A 25 -8.00 23.77 19.04
N LYS A 26 -7.40 24.56 18.15
CA LYS A 26 -7.58 26.01 18.15
C LYS A 26 -8.66 26.46 17.18
N GLN A 27 -9.31 25.52 16.49
CA GLN A 27 -10.27 25.86 15.44
C GLN A 27 -11.73 25.57 15.74
N TYR A 28 -11.97 24.63 16.64
CA TYR A 28 -13.35 24.27 17.00
C TYR A 28 -14.02 25.44 17.71
N PRO A 29 -15.35 25.49 17.69
CA PRO A 29 -16.00 26.59 18.42
C PRO A 29 -15.63 26.56 19.91
N PRO A 30 -15.47 27.74 20.52
CA PRO A 30 -15.13 27.72 21.95
C PRO A 30 -16.25 27.04 22.75
N ASN A 31 -15.90 26.42 23.86
CA ASN A 31 -16.87 25.76 24.71
C ASN A 31 -17.44 24.48 24.11
N THR A 32 -16.66 23.80 23.27
CA THR A 32 -17.09 22.54 22.68
C THR A 32 -16.63 21.44 23.62
N SER A 33 -17.57 20.62 24.10
CA SER A 33 -17.28 19.57 25.07
C SER A 33 -17.35 18.18 24.45
N LYS A 34 -17.94 18.09 23.26
CA LYS A 34 -18.06 16.81 22.58
C LYS A 34 -17.91 16.93 21.08
N VAL A 35 -17.14 16.01 20.52
CA VAL A 35 -16.98 15.88 19.08
C VAL A 35 -17.23 14.38 18.81
N TYR A 36 -18.25 14.11 18.01
CA TYR A 36 -18.68 12.74 17.68
C TYR A 36 -18.57 12.57 16.18
N SER A 37 -17.86 11.52 15.77
CA SER A 37 -17.57 11.27 14.37
C SER A 37 -17.87 9.82 14.00
N TYR A 38 -18.03 9.55 12.72
CA TYR A 38 -18.36 8.20 12.26
C TYR A 38 -17.63 7.82 10.98
N PHE A 39 -17.56 6.52 10.73
CA PHE A 39 -16.91 5.96 9.53
C PHE A 39 -17.93 5.20 8.70
N GLU A 40 -17.90 5.40 7.37
CA GLU A 40 -18.78 4.63 6.46
C GLU A 40 -18.08 4.40 5.13
N CYS A 41 -18.59 3.45 4.35
CA CYS A 41 -18.12 3.18 2.99
C CYS A 41 -19.24 3.81 2.15
N ARG A 42 -19.11 5.10 1.94
CA ARG A 42 -20.15 5.93 1.33
C ARG A 42 -20.71 5.46 0.01
N GLU A 43 -21.99 5.77 -0.17
CA GLU A 43 -22.72 5.53 -1.42
C GLU A 43 -23.47 4.22 -1.49
N TYR A 56 -19.53 -3.14 -5.87
CA TYR A 56 -19.23 -3.36 -4.44
C TYR A 56 -20.37 -2.84 -3.57
N GLU A 57 -21.52 -3.49 -3.64
CA GLU A 57 -22.72 -3.07 -2.89
C GLU A 57 -22.70 -3.35 -1.39
N GLU A 58 -21.84 -4.27 -0.97
CA GLU A 58 -21.75 -4.64 0.44
C GLU A 58 -20.28 -4.83 0.82
N THR A 59 -19.94 -4.42 2.03
CA THR A 59 -18.55 -4.49 2.48
C THR A 59 -18.38 -5.38 3.70
N VAL A 60 -17.23 -6.04 3.77
CA VAL A 60 -16.89 -6.87 4.92
C VAL A 60 -16.16 -5.94 5.91
N PHE A 61 -16.71 -5.78 7.12
CA PHE A 61 -16.07 -4.94 8.12
C PHE A 61 -15.00 -5.73 8.86
N TYR A 62 -13.73 -5.41 8.60
CA TYR A 62 -12.64 -6.16 9.22
C TYR A 62 -11.42 -5.27 9.37
N GLY A 63 -10.70 -5.43 10.47
CA GLY A 63 -9.44 -4.77 10.68
C GLY A 63 -9.29 -3.82 11.86
N LEU A 64 -10.42 -3.33 12.35
CA LEU A 64 -10.40 -2.36 13.43
C LEU A 64 -9.70 -2.93 14.67
N GLN A 65 -10.01 -4.16 15.02
CA GLN A 65 -9.42 -4.80 16.21
C GLN A 65 -7.90 -4.73 16.23
N TYR A 66 -7.29 -4.92 15.07
CA TYR A 66 -5.83 -4.85 14.94
C TYR A 66 -5.36 -3.44 15.36
N ILE A 67 -6.03 -2.43 14.81
CA ILE A 67 -5.67 -1.04 15.09
C ILE A 67 -5.82 -0.67 16.57
N LEU A 68 -6.97 -1.03 17.14
CA LEU A 68 -7.26 -0.79 18.56
C LEU A 68 -6.14 -1.34 19.46
N ASN A 69 -5.80 -2.60 19.24
CA ASN A 69 -4.77 -3.27 20.04
C ASN A 69 -3.34 -2.81 19.78
N LYS A 70 -2.96 -2.67 18.52
CA LYS A 70 -1.59 -2.27 18.21
C LYS A 70 -1.25 -0.82 18.55
N TYR A 71 -2.19 0.08 18.30
CA TYR A 71 -1.94 1.50 18.39
C TYR A 71 -2.67 2.34 19.44
N LEU A 72 -3.89 1.94 19.78
CA LEU A 72 -4.72 2.78 20.64
C LEU A 72 -4.85 2.44 22.10
N LYS A 73 -4.74 1.16 22.45
CA LYS A 73 -4.96 0.74 23.82
C LYS A 73 -3.79 0.97 24.78
N GLY A 74 -4.13 1.03 26.06
CA GLY A 74 -3.16 1.18 27.12
C GLY A 74 -2.57 2.58 27.27
N LYS A 75 -1.39 2.63 27.85
CA LYS A 75 -0.72 3.90 28.09
C LYS A 75 0.00 4.30 26.81
N VAL A 76 -0.59 5.23 26.07
CA VAL A 76 -0.04 5.64 24.79
C VAL A 76 0.61 7.03 24.85
N VAL A 77 0.55 7.65 26.02
CA VAL A 77 1.16 8.95 26.21
C VAL A 77 2.21 8.86 27.32
N THR A 78 3.38 9.45 27.10
CA THR A 78 4.42 9.53 28.12
C THR A 78 5.01 10.93 28.06
N LYS A 79 5.70 11.35 29.12
CA LYS A 79 6.32 12.67 29.12
C LYS A 79 7.32 12.76 27.98
N GLU A 80 8.00 11.65 27.70
CA GLU A 80 8.98 11.59 26.62
C GLU A 80 8.32 11.77 25.24
N LYS A 81 7.19 11.10 25.03
CA LYS A 81 6.47 11.20 23.77
C LYS A 81 5.95 12.61 23.54
N ILE A 82 5.51 13.27 24.63
CA ILE A 82 5.02 14.63 24.52
C ILE A 82 6.17 15.55 24.11
N GLN A 83 7.31 15.41 24.78
CA GLN A 83 8.47 16.26 24.49
C GLN A 83 8.96 16.04 23.06
N GLU A 84 9.01 14.79 22.62
CA GLU A 84 9.47 14.47 21.27
C GLU A 84 8.54 15.13 20.23
N ALA A 85 7.23 15.03 20.45
CA ALA A 85 6.27 15.62 19.52
C ALA A 85 6.42 17.14 19.51
N LYS A 86 6.52 17.74 20.69
CA LYS A 86 6.68 19.19 20.77
C LYS A 86 7.88 19.65 19.95
N ASP A 87 9.00 18.94 20.08
CA ASP A 87 10.23 19.27 19.36
C ASP A 87 10.12 19.10 17.84
N VAL A 88 9.43 18.06 17.41
CA VAL A 88 9.24 17.81 15.98
C VAL A 88 8.35 18.89 15.39
N TYR A 89 7.19 19.12 16.00
CA TYR A 89 6.25 20.12 15.50
C TYR A 89 6.77 21.54 15.46
N LYS A 90 7.60 21.91 16.43
CA LYS A 90 8.17 23.25 16.42
C LYS A 90 8.94 23.49 15.10
N GLU A 91 9.69 22.49 14.65
CA GLU A 91 10.46 22.63 13.41
C GLU A 91 9.58 22.40 12.17
N HIS A 92 8.66 21.45 12.27
CA HIS A 92 7.80 21.09 11.15
C HIS A 92 6.87 22.22 10.73
N PHE A 93 6.38 22.98 11.72
CA PHE A 93 5.49 24.12 11.46
C PHE A 93 6.26 25.43 11.52
N GLN A 94 7.49 25.37 12.01
CA GLN A 94 8.30 26.57 12.20
C GLN A 94 7.52 27.51 13.10
N ASP A 95 6.87 26.93 14.10
CA ASP A 95 6.01 27.69 14.99
C ASP A 95 5.55 26.77 16.10
N ASP A 96 5.08 27.38 17.18
CA ASP A 96 4.57 26.63 18.33
C ASP A 96 3.05 26.61 18.29
N VAL A 97 2.50 25.47 17.86
CA VAL A 97 1.05 25.32 17.79
C VAL A 97 0.61 24.03 18.47
N PHE A 98 1.57 23.24 18.91
CA PHE A 98 1.32 21.95 19.56
C PHE A 98 0.57 22.03 20.91
N ASN A 99 -0.51 21.26 21.03
CA ASN A 99 -1.31 21.21 22.27
C ASN A 99 -0.63 20.43 23.41
N GLU A 100 0.48 20.97 23.92
CA GLU A 100 1.20 20.32 25.01
C GLU A 100 0.31 20.13 26.26
N LYS A 101 -0.42 21.18 26.63
CA LYS A 101 -1.30 21.12 27.81
C LYS A 101 -2.33 20.00 27.69
N GLY A 102 -2.99 19.92 26.53
CA GLY A 102 -4.01 18.91 26.29
C GLY A 102 -3.50 17.49 26.44
N TRP A 103 -2.33 17.21 25.87
CA TRP A 103 -1.75 15.87 25.96
C TRP A 103 -1.26 15.57 27.39
N ASN A 104 -0.74 16.60 28.05
CA ASN A 104 -0.30 16.44 29.44
C ASN A 104 -1.49 16.10 30.33
N TYR A 105 -2.65 16.67 30.04
CA TYR A 105 -3.86 16.40 30.79
C TYR A 105 -4.21 14.91 30.72
N ILE A 106 -4.13 14.34 29.53
CA ILE A 106 -4.40 12.91 29.36
C ILE A 106 -3.39 12.07 30.14
N LEU A 107 -2.13 12.50 30.13
CA LEU A 107 -1.08 11.77 30.85
C LEU A 107 -1.35 11.79 32.36
N GLU A 108 -1.53 12.98 32.90
CA GLU A 108 -1.76 13.13 34.34
C GLU A 108 -3.08 12.55 34.83
N LYS A 109 -4.16 12.80 34.09
CA LYS A 109 -5.49 12.38 34.50
C LYS A 109 -5.85 10.91 34.26
N TYR A 110 -5.41 10.36 33.14
CA TYR A 110 -5.79 9.01 32.77
C TYR A 110 -4.61 8.06 32.63
N ASP A 111 -3.47 8.44 33.21
CA ASP A 111 -2.27 7.64 33.10
C ASP A 111 -1.98 7.32 31.63
N GLY A 112 -2.18 8.32 30.77
CA GLY A 112 -1.90 8.22 29.36
C GLY A 112 -2.83 7.34 28.53
N HIS A 113 -3.99 7.00 29.09
CA HIS A 113 -4.98 6.16 28.39
C HIS A 113 -5.95 7.10 27.69
N LEU A 114 -6.30 6.80 26.44
CA LEU A 114 -7.19 7.69 25.68
C LEU A 114 -8.64 7.73 26.17
N PRO A 115 -9.13 8.94 26.54
CA PRO A 115 -10.53 9.07 26.98
C PRO A 115 -11.47 9.16 25.76
N ILE A 116 -11.63 8.02 25.12
CA ILE A 116 -12.38 7.87 23.87
C ILE A 116 -13.27 6.63 23.92
N GLU A 117 -14.43 6.72 23.31
CA GLU A 117 -15.29 5.55 23.20
C GLU A 117 -15.58 5.28 21.71
N ILE A 118 -15.33 4.05 21.28
CA ILE A 118 -15.59 3.63 19.91
C ILE A 118 -16.62 2.50 19.91
N LYS A 119 -17.68 2.68 19.13
CA LYS A 119 -18.72 1.66 18.97
C LYS A 119 -18.60 1.19 17.53
N ALA A 120 -18.71 -0.11 17.31
CA ALA A 120 -18.56 -0.66 15.97
C ALA A 120 -19.43 -1.88 15.67
N VAL A 121 -19.68 -2.13 14.38
CA VAL A 121 -20.40 -3.32 13.92
C VAL A 121 -19.42 -4.49 14.13
N PRO A 122 -19.94 -5.71 14.42
CA PRO A 122 -18.98 -6.80 14.67
C PRO A 122 -18.10 -7.09 13.46
N GLU A 123 -16.86 -7.46 13.69
CA GLU A 123 -15.95 -7.77 12.60
C GLU A 123 -16.42 -9.01 11.84
N GLY A 124 -16.30 -8.95 10.51
CA GLY A 124 -16.74 -10.04 9.65
C GLY A 124 -18.12 -9.77 9.08
N PHE A 125 -18.84 -8.84 9.72
CA PHE A 125 -20.18 -8.48 9.25
C PHE A 125 -20.12 -7.90 7.84
N VAL A 126 -21.11 -8.28 7.05
CA VAL A 126 -21.24 -7.82 5.66
C VAL A 126 -22.40 -6.82 5.63
N ILE A 127 -22.03 -5.56 5.40
CA ILE A 127 -22.98 -4.44 5.48
C ILE A 127 -23.10 -3.74 4.16
N PRO A 128 -24.33 -3.36 3.77
CA PRO A 128 -24.45 -2.60 2.51
C PRO A 128 -23.78 -1.22 2.64
N ARG A 129 -23.32 -0.70 1.50
CA ARG A 129 -22.70 0.62 1.45
C ARG A 129 -23.59 1.70 2.09
N GLY A 130 -22.97 2.76 2.57
CA GLY A 130 -23.70 3.89 3.13
C GLY A 130 -24.23 3.74 4.54
N ASN A 131 -23.70 2.78 5.29
CA ASN A 131 -24.13 2.57 6.67
C ASN A 131 -23.01 2.91 7.67
N VAL A 132 -23.41 3.34 8.87
CA VAL A 132 -22.41 3.59 9.89
C VAL A 132 -21.74 2.26 10.23
N LEU A 133 -20.41 2.24 10.17
CA LEU A 133 -19.63 1.04 10.51
C LEU A 133 -19.03 1.17 11.92
N PHE A 134 -18.61 2.39 12.28
CA PHE A 134 -18.12 2.69 13.63
C PHE A 134 -18.23 4.18 13.94
N THR A 135 -18.35 4.50 15.23
CA THR A 135 -18.44 5.89 15.70
C THR A 135 -17.36 6.11 16.75
N VAL A 136 -16.96 7.36 16.90
CA VAL A 136 -15.91 7.76 17.83
C VAL A 136 -16.32 9.05 18.52
N GLU A 137 -16.03 9.14 19.82
CA GLU A 137 -16.36 10.33 20.59
C GLU A 137 -15.49 10.40 21.86
N ASN A 138 -15.22 11.61 22.33
CA ASN A 138 -14.45 11.79 23.56
C ASN A 138 -15.34 11.55 24.78
N THR A 139 -14.76 11.00 25.84
CA THR A 139 -15.51 10.74 27.08
C THR A 139 -15.23 11.79 28.15
N ASP A 140 -14.31 12.70 27.86
CA ASP A 140 -13.96 13.78 28.77
C ASP A 140 -14.08 15.07 27.96
N PRO A 141 -14.84 16.06 28.46
CA PRO A 141 -15.05 17.31 27.73
C PRO A 141 -13.74 18.03 27.41
N GLU A 142 -12.73 17.86 28.24
CA GLU A 142 -11.43 18.50 27.97
C GLU A 142 -10.78 17.92 26.71
N CYS A 143 -11.19 16.72 26.33
CA CYS A 143 -10.60 16.04 25.19
C CYS A 143 -11.43 16.05 23.89
N TYR A 144 -12.20 17.10 23.69
CA TYR A 144 -13.04 17.24 22.48
C TYR A 144 -12.22 17.16 21.19
N TRP A 145 -10.95 17.56 21.27
CA TRP A 145 -10.05 17.61 20.11
C TRP A 145 -9.46 16.24 19.77
N LEU A 146 -9.61 15.30 20.70
CA LEU A 146 -9.01 13.98 20.53
C LEU A 146 -9.75 13.09 19.53
N THR A 147 -11.06 13.28 19.42
CA THR A 147 -11.89 12.46 18.52
C THR A 147 -11.31 12.44 17.11
N ASN A 148 -11.09 13.63 16.56
CA ASN A 148 -10.57 13.74 15.22
C ASN A 148 -9.05 13.65 15.07
N TRP A 149 -8.33 13.68 16.20
CA TRP A 149 -6.88 13.50 16.17
C TRP A 149 -6.59 12.07 15.63
N ILE A 150 -7.37 11.11 16.09
CA ILE A 150 -7.18 9.71 15.71
C ILE A 150 -7.90 9.28 14.43
N GLU A 151 -8.45 10.25 13.69
CA GLU A 151 -9.09 9.90 12.43
C GLU A 151 -8.11 9.21 11.48
N THR A 152 -6.91 9.76 11.34
CA THR A 152 -5.90 9.26 10.41
C THR A 152 -5.60 7.78 10.60
N ILE A 153 -5.32 7.38 11.84
CA ILE A 153 -5.01 5.99 12.14
C ILE A 153 -6.25 5.10 11.93
N LEU A 154 -7.41 5.58 12.34
CA LEU A 154 -8.62 4.77 12.20
C LEU A 154 -9.07 4.60 10.75
N VAL A 155 -8.91 5.65 9.95
CA VAL A 155 -9.33 5.63 8.56
C VAL A 155 -8.54 4.59 7.77
N GLN A 156 -7.35 4.25 8.25
CA GLN A 156 -6.51 3.24 7.57
C GLN A 156 -7.20 1.87 7.60
N SER A 157 -8.30 1.76 8.36
CA SER A 157 -9.08 0.52 8.38
C SER A 157 -9.67 0.31 6.98
N TRP A 158 -9.69 1.36 6.16
CA TRP A 158 -10.19 1.21 4.77
C TRP A 158 -9.49 0.04 4.07
N TYR A 159 -8.20 -0.13 4.37
CA TYR A 159 -7.40 -1.15 3.70
C TYR A 159 -7.85 -2.59 3.93
N PRO A 160 -7.85 -3.06 5.19
CA PRO A 160 -8.34 -4.43 5.42
C PRO A 160 -9.82 -4.60 5.05
N ILE A 161 -10.61 -3.54 5.18
CA ILE A 161 -12.01 -3.65 4.75
C ILE A 161 -12.07 -3.92 3.23
N THR A 162 -11.29 -3.14 2.49
CA THR A 162 -11.32 -3.22 1.03
C THR A 162 -10.72 -4.53 0.51
N VAL A 163 -9.62 -4.97 1.10
CA VAL A 163 -9.03 -6.25 0.69
C VAL A 163 -10.04 -7.37 0.95
N ALA A 164 -10.60 -7.39 2.16
CA ALA A 164 -11.58 -8.42 2.54
C ALA A 164 -12.77 -8.42 1.59
N THR A 165 -13.28 -7.23 1.31
CA THR A 165 -14.44 -7.06 0.42
C THR A 165 -14.11 -7.53 -1.01
N ASN A 166 -13.02 -7.03 -1.57
CA ASN A 166 -12.64 -7.38 -2.94
C ASN A 166 -12.35 -8.88 -3.05
N SER A 167 -11.76 -9.45 -2.01
CA SER A 167 -11.47 -10.89 -1.98
C SER A 167 -12.78 -11.69 -1.95
N ARG A 168 -13.75 -11.25 -1.15
CA ARG A 168 -15.04 -11.94 -1.05
C ARG A 168 -15.82 -11.85 -2.39
N GLU A 169 -15.70 -10.72 -3.06
CA GLU A 169 -16.38 -10.55 -4.36
C GLU A 169 -15.78 -11.54 -5.36
N GLN A 170 -14.49 -11.82 -5.25
CA GLN A 170 -13.88 -12.79 -6.17
C GLN A 170 -14.36 -14.17 -5.79
N LYS A 171 -14.53 -14.41 -4.50
CA LYS A 171 -15.07 -15.69 -4.04
C LYS A 171 -16.46 -15.93 -4.60
N LYS A 172 -17.26 -14.88 -4.73
CA LYS A 172 -18.63 -15.00 -5.25
C LYS A 172 -18.59 -15.49 -6.69
N ILE A 173 -17.65 -14.95 -7.46
CA ILE A 173 -17.48 -15.35 -8.87
C ILE A 173 -17.06 -16.82 -8.96
N LEU A 174 -16.05 -17.20 -8.18
CA LEU A 174 -15.53 -18.57 -8.19
C LEU A 174 -16.61 -19.55 -7.77
N ALA A 175 -17.39 -19.18 -6.77
CA ALA A 175 -18.47 -20.04 -6.27
C ALA A 175 -19.53 -20.30 -7.34
N LYS A 176 -19.92 -19.23 -8.02
CA LYS A 176 -20.94 -19.34 -9.07
C LYS A 176 -20.50 -20.33 -10.17
N TYR A 177 -19.28 -20.15 -10.66
CA TYR A 177 -18.76 -20.96 -11.75
C TYR A 177 -18.36 -22.39 -11.34
N LEU A 178 -17.86 -22.55 -10.13
CA LEU A 178 -17.53 -23.87 -9.63
C LEU A 178 -18.82 -24.69 -9.41
N LEU A 179 -19.85 -24.05 -8.87
CA LEU A 179 -21.13 -24.72 -8.64
C LEU A 179 -21.74 -25.13 -9.99
N GLU A 180 -21.69 -24.23 -10.96
CA GLU A 180 -22.25 -24.51 -12.28
C GLU A 180 -21.52 -25.64 -12.99
N THR A 181 -20.20 -25.65 -12.92
CA THR A 181 -19.41 -26.64 -13.64
C THR A 181 -19.17 -27.96 -12.93
N SER A 182 -19.36 -27.98 -11.61
CA SER A 182 -19.08 -29.16 -10.81
C SER A 182 -20.25 -29.71 -9.99
N GLY A 183 -21.22 -28.87 -9.70
CA GLY A 183 -22.37 -29.26 -8.89
C GLY A 183 -22.16 -29.06 -7.40
N ASN A 184 -20.99 -28.59 -7.01
CA ASN A 184 -20.70 -28.34 -5.59
C ASN A 184 -19.66 -27.23 -5.41
N LEU A 185 -19.26 -27.00 -4.16
CA LEU A 185 -18.27 -25.97 -3.83
C LEU A 185 -16.97 -26.54 -3.26
N ASP A 186 -16.74 -27.84 -3.46
CA ASP A 186 -15.54 -28.46 -2.93
C ASP A 186 -14.26 -27.76 -3.43
N GLY A 187 -13.41 -27.35 -2.50
CA GLY A 187 -12.16 -26.71 -2.84
C GLY A 187 -12.22 -25.21 -3.10
N LEU A 188 -13.41 -24.61 -2.93
CA LEU A 188 -13.58 -23.18 -3.17
C LEU A 188 -12.66 -22.31 -2.32
N GLU A 189 -12.52 -22.65 -1.04
CA GLU A 189 -11.71 -21.90 -0.11
C GLU A 189 -10.19 -21.92 -0.39
N TYR A 190 -9.77 -22.67 -1.40
CA TYR A 190 -8.34 -22.75 -1.78
C TYR A 190 -8.15 -22.21 -3.20
N LYS A 191 -9.24 -21.77 -3.80
CA LYS A 191 -9.22 -21.36 -5.22
C LYS A 191 -8.62 -20.01 -5.61
N LEU A 192 -8.40 -19.15 -4.62
CA LEU A 192 -7.76 -17.85 -4.87
C LEU A 192 -6.66 -17.72 -3.83
N HIS A 193 -5.43 -17.79 -4.30
CA HIS A 193 -4.25 -17.81 -3.43
C HIS A 193 -3.51 -16.48 -3.40
N ASP A 194 -3.12 -16.05 -2.22
CA ASP A 194 -2.45 -14.74 -2.07
C ASP A 194 -0.95 -14.84 -2.38
N PHE A 195 -0.53 -14.15 -3.44
N PHE A 195 -0.50 -14.11 -3.40
CA PHE A 195 0.86 -14.10 -3.90
CA PHE A 195 0.91 -14.10 -3.76
C PHE A 195 1.42 -12.67 -3.74
C PHE A 195 1.40 -12.66 -3.76
N GLY A 196 0.75 -11.83 -2.95
CA GLY A 196 1.09 -10.41 -2.88
C GLY A 196 2.16 -9.86 -1.95
N TYR A 197 2.96 -10.73 -1.33
CA TYR A 197 3.98 -10.27 -0.38
C TYR A 197 4.94 -9.24 -1.01
N ARG A 198 5.53 -9.57 -2.15
CA ARG A 198 6.50 -8.67 -2.77
C ARG A 198 5.89 -7.44 -3.42
N GLY A 199 4.63 -7.57 -3.84
CA GLY A 199 3.91 -6.54 -4.57
C GLY A 199 3.24 -5.44 -3.75
N VAL A 200 3.29 -5.56 -2.43
CA VAL A 200 2.74 -4.53 -1.54
C VAL A 200 3.82 -3.52 -1.14
N SER A 201 3.39 -2.42 -0.54
CA SER A 201 4.24 -1.29 -0.20
C SER A 201 5.10 -1.46 1.05
N SER A 202 4.78 -2.43 1.92
CA SER A 202 5.56 -2.60 3.15
C SER A 202 5.31 -3.93 3.83
N GLN A 203 6.18 -4.24 4.80
CA GLN A 203 5.99 -5.47 5.59
C GLN A 203 4.68 -5.37 6.38
N GLU A 204 4.39 -4.21 6.96
CA GLU A 204 3.16 -4.12 7.74
C GLU A 204 1.93 -4.33 6.85
N THR A 205 1.92 -3.68 5.68
CA THR A 205 0.81 -3.83 4.74
C THR A 205 0.61 -5.30 4.37
N ALA A 206 1.71 -6.00 4.14
CA ALA A 206 1.65 -7.41 3.77
C ALA A 206 0.86 -8.22 4.80
N GLY A 207 1.20 -8.07 6.07
CA GLY A 207 0.52 -8.81 7.13
C GLY A 207 -0.97 -8.46 7.19
N ILE A 208 -1.29 -7.17 7.20
CA ILE A 208 -2.70 -6.73 7.25
C ILE A 208 -3.50 -7.26 6.04
N GLY A 209 -2.95 -7.03 4.84
CA GLY A 209 -3.60 -7.43 3.59
C GLY A 209 -3.82 -8.93 3.52
N ALA A 210 -2.77 -9.70 3.81
CA ALA A 210 -2.87 -11.15 3.77
C ALA A 210 -3.95 -11.64 4.75
N SER A 211 -4.00 -11.03 5.94
CA SER A 211 -5.00 -11.44 6.93
C SER A 211 -6.42 -11.17 6.44
N ALA A 212 -6.62 -10.06 5.72
CA ALA A 212 -7.93 -9.71 5.19
C ALA A 212 -8.36 -10.73 4.14
N HIS A 213 -7.41 -11.18 3.34
CA HIS A 213 -7.74 -12.18 2.30
C HIS A 213 -8.13 -13.50 2.98
N LEU A 214 -7.47 -13.81 4.09
CA LEU A 214 -7.73 -15.05 4.81
C LEU A 214 -9.11 -15.11 5.47
N VAL A 215 -9.79 -13.98 5.51
CA VAL A 215 -11.16 -13.95 6.02
C VAL A 215 -12.03 -14.82 5.10
N ASN A 216 -11.67 -14.85 3.81
CA ASN A 216 -12.45 -15.58 2.79
C ASN A 216 -11.85 -16.89 2.29
N PHE A 217 -10.52 -16.97 2.26
CA PHE A 217 -9.83 -18.13 1.70
C PHE A 217 -8.81 -18.70 2.67
N LYS A 218 -8.20 -19.83 2.31
CA LYS A 218 -7.25 -20.47 3.21
C LYS A 218 -5.84 -20.52 2.66
N GLY A 219 -5.63 -19.99 1.45
CA GLY A 219 -4.32 -20.05 0.84
C GLY A 219 -3.58 -18.72 0.77
N THR A 220 -2.33 -18.75 1.22
CA THR A 220 -1.47 -17.57 1.20
C THR A 220 0.02 -17.93 1.22
N ASP A 221 0.83 -17.13 0.53
CA ASP A 221 2.28 -17.30 0.55
C ASP A 221 2.82 -16.07 1.28
N THR A 222 1.90 -15.23 1.75
CA THR A 222 2.28 -14.03 2.50
C THR A 222 2.34 -14.40 3.98
N VAL A 223 3.46 -15.00 4.36
CA VAL A 223 3.69 -15.51 5.71
C VAL A 223 3.34 -14.51 6.83
N ALA A 224 3.61 -13.23 6.59
CA ALA A 224 3.35 -12.17 7.56
C ALA A 224 1.91 -12.19 8.09
N GLY A 225 0.96 -12.65 7.29
CA GLY A 225 -0.43 -12.72 7.71
C GLY A 225 -0.73 -13.68 8.85
N LEU A 226 0.01 -14.78 8.92
CA LEU A 226 -0.21 -15.77 9.96
C LEU A 226 -0.01 -15.21 11.37
N ALA A 227 1.14 -14.57 11.58
CA ALA A 227 1.49 -14.02 12.89
C ALA A 227 0.52 -12.93 13.32
N LEU A 228 0.06 -12.12 12.37
CA LEU A 228 -0.86 -11.04 12.71
C LEU A 228 -2.17 -11.61 13.28
N ILE A 229 -2.74 -12.58 12.56
CA ILE A 229 -3.99 -13.21 12.96
C ILE A 229 -3.84 -13.86 14.34
N LYS A 230 -2.74 -14.58 14.52
CA LYS A 230 -2.47 -15.29 15.77
C LYS A 230 -2.38 -14.33 16.96
N LYS A 231 -1.76 -13.18 16.76
CA LYS A 231 -1.57 -12.22 17.83
C LYS A 231 -2.80 -11.34 18.14
N TYR A 232 -3.52 -10.92 17.11
CA TYR A 232 -4.64 -9.99 17.28
C TYR A 232 -6.04 -10.55 17.21
N TYR A 233 -6.19 -11.72 16.61
CA TYR A 233 -7.51 -12.31 16.44
C TYR A 233 -7.65 -13.71 17.03
N GLY A 234 -6.79 -14.62 16.58
CA GLY A 234 -6.76 -15.99 17.08
C GLY A 234 -7.63 -16.97 16.33
N THR A 235 -7.12 -18.19 16.18
CA THR A 235 -7.87 -19.27 15.53
C THR A 235 -7.74 -20.53 16.37
N LYS A 236 -8.73 -21.42 16.26
CA LYS A 236 -8.69 -22.71 16.93
C LYS A 236 -7.56 -23.54 16.31
N ASP A 237 -7.41 -23.44 14.99
CA ASP A 237 -6.35 -24.17 14.29
C ASP A 237 -4.98 -23.55 14.53
N PRO A 238 -3.91 -24.37 14.41
CA PRO A 238 -2.56 -23.83 14.60
C PRO A 238 -2.27 -22.65 13.69
N VAL A 239 -2.66 -22.75 12.41
CA VAL A 239 -2.48 -21.63 11.45
C VAL A 239 -3.76 -21.39 10.67
N PRO A 240 -3.98 -20.13 10.23
CA PRO A 240 -5.19 -19.80 9.47
C PRO A 240 -5.01 -19.94 7.96
N GLY A 241 -3.77 -20.11 7.51
CA GLY A 241 -3.51 -20.23 6.08
C GLY A 241 -2.46 -21.26 5.73
N TYR A 242 -2.53 -21.73 4.50
CA TYR A 242 -1.67 -22.80 4.03
C TYR A 242 -1.01 -22.58 2.67
N SER A 243 0.09 -23.28 2.45
CA SER A 243 0.77 -23.25 1.14
C SER A 243 1.27 -24.64 0.74
N VAL A 244 1.88 -24.72 -0.44
CA VAL A 244 2.46 -25.96 -0.97
C VAL A 244 3.80 -25.63 -1.60
N PRO A 245 4.70 -26.61 -1.69
CA PRO A 245 5.99 -26.34 -2.33
C PRO A 245 5.74 -25.94 -3.78
N ALA A 246 6.56 -25.03 -4.28
CA ALA A 246 6.41 -24.54 -5.64
C ALA A 246 7.74 -23.99 -6.14
N ALA A 247 7.93 -24.03 -7.45
CA ALA A 247 9.15 -23.54 -8.08
C ALA A 247 8.96 -22.07 -8.43
N GLU A 248 10.06 -21.38 -8.70
CA GLU A 248 10.06 -20.01 -9.19
C GLU A 248 10.98 -20.05 -10.40
N HIS A 249 11.02 -18.98 -11.19
CA HIS A 249 11.87 -19.01 -12.36
C HIS A 249 13.33 -19.31 -12.04
N SER A 250 13.84 -18.75 -10.95
CA SER A 250 15.23 -19.01 -10.57
C SER A 250 15.55 -20.50 -10.40
N THR A 251 14.65 -21.26 -9.79
CA THR A 251 14.88 -22.71 -9.58
C THR A 251 14.77 -23.57 -10.84
N ILE A 252 14.15 -23.04 -11.89
CA ILE A 252 14.06 -23.77 -13.16
C ILE A 252 15.25 -23.32 -14.04
N THR A 253 15.37 -22.01 -14.22
CA THR A 253 16.40 -21.44 -15.10
C THR A 253 17.82 -21.73 -14.66
N ALA A 254 18.05 -21.85 -13.34
CA ALA A 254 19.39 -22.13 -12.84
C ALA A 254 20.03 -23.40 -13.45
N TRP A 255 19.19 -24.32 -13.93
CA TRP A 255 19.66 -25.58 -14.52
C TRP A 255 20.21 -25.38 -15.92
N GLY A 256 19.90 -24.23 -16.52
CA GLY A 256 20.29 -23.92 -17.87
C GLY A 256 19.15 -24.22 -18.83
N LYS A 257 19.06 -23.44 -19.89
CA LYS A 257 17.98 -23.58 -20.87
C LYS A 257 17.73 -25.00 -21.40
N ASP A 258 18.80 -25.69 -21.79
CA ASP A 258 18.68 -27.04 -22.33
C ASP A 258 18.33 -28.09 -21.29
N HIS A 259 18.33 -27.71 -20.02
CA HIS A 259 18.01 -28.68 -18.98
C HIS A 259 16.72 -28.40 -18.21
N GLU A 260 15.76 -27.77 -18.87
CA GLU A 260 14.48 -27.53 -18.22
C GLU A 260 13.84 -28.84 -17.74
N LYS A 261 13.93 -29.89 -18.56
CA LYS A 261 13.40 -31.21 -18.17
C LYS A 261 14.05 -31.77 -16.90
N ASP A 262 15.38 -31.66 -16.78
CA ASP A 262 16.09 -32.11 -15.59
C ASP A 262 15.58 -31.38 -14.35
N ALA A 263 15.31 -30.09 -14.50
CA ALA A 263 14.83 -29.28 -13.39
C ALA A 263 13.47 -29.79 -12.96
N PHE A 264 12.56 -30.00 -13.94
CA PHE A 264 11.21 -30.48 -13.64
C PHE A 264 11.29 -31.84 -12.94
N GLU A 265 12.07 -32.75 -13.51
CA GLU A 265 12.20 -34.09 -12.93
C GLU A 265 12.68 -34.06 -11.48
N HIS A 266 13.71 -33.27 -11.21
CA HIS A 266 14.29 -33.15 -9.88
C HIS A 266 13.25 -32.64 -8.91
N ILE A 267 12.56 -31.58 -9.31
CA ILE A 267 11.57 -30.96 -8.45
C ILE A 267 10.39 -31.85 -8.08
N VAL A 268 9.77 -32.51 -9.07
CA VAL A 268 8.63 -33.37 -8.77
C VAL A 268 9.07 -34.59 -7.95
N THR A 269 10.34 -34.97 -8.12
CA THR A 269 10.88 -36.12 -7.37
C THR A 269 11.15 -35.72 -5.93
N GLN A 270 11.67 -34.51 -5.74
CA GLN A 270 11.93 -34.00 -4.39
C GLN A 270 10.60 -33.89 -3.63
N PHE A 271 9.53 -33.54 -4.32
CA PHE A 271 8.23 -33.40 -3.67
C PHE A 271 7.25 -34.41 -4.25
N SER A 272 7.61 -35.70 -4.13
CA SER A 272 6.80 -36.76 -4.71
C SER A 272 5.51 -37.09 -3.98
N SER A 273 5.43 -36.73 -2.70
CA SER A 273 4.27 -37.10 -1.89
C SER A 273 3.40 -35.97 -1.38
N VAL A 274 3.67 -34.76 -1.85
CA VAL A 274 2.85 -33.60 -1.49
C VAL A 274 2.51 -32.87 -2.79
N PRO A 275 1.47 -32.01 -2.77
CA PRO A 275 1.17 -31.27 -4.01
C PRO A 275 2.38 -30.40 -4.33
N VAL A 276 2.65 -30.17 -5.61
CA VAL A 276 3.77 -29.32 -5.99
C VAL A 276 3.41 -28.48 -7.21
N SER A 277 3.63 -27.18 -7.09
CA SER A 277 3.37 -26.24 -8.18
C SER A 277 4.67 -26.02 -8.95
N VAL A 278 4.63 -26.17 -10.26
CA VAL A 278 5.83 -25.99 -11.08
C VAL A 278 5.63 -24.98 -12.21
N VAL A 279 6.28 -23.83 -12.08
CA VAL A 279 6.22 -22.80 -13.11
C VAL A 279 6.81 -23.36 -14.39
N SER A 280 6.03 -23.31 -15.46
CA SER A 280 6.39 -23.99 -16.70
C SER A 280 6.57 -23.13 -17.94
N ASP A 281 6.59 -21.82 -17.76
CA ASP A 281 6.70 -20.91 -18.90
C ASP A 281 8.05 -20.24 -19.09
N SER A 282 9.08 -20.72 -18.40
CA SER A 282 10.40 -20.10 -18.52
C SER A 282 10.85 -19.80 -19.96
N TYR A 283 10.60 -20.74 -20.86
CA TYR A 283 11.01 -20.60 -22.27
C TYR A 283 9.84 -20.81 -23.24
N ASP A 284 9.06 -21.86 -23.03
CA ASP A 284 7.91 -22.13 -23.92
C ASP A 284 6.92 -22.97 -23.15
N ILE A 285 5.89 -22.32 -22.60
CA ILE A 285 4.86 -23.00 -21.80
C ILE A 285 4.19 -24.15 -22.54
N TYR A 286 3.93 -23.94 -23.84
CA TYR A 286 3.27 -24.95 -24.65
C TYR A 286 4.13 -26.19 -24.90
N ASN A 287 5.40 -25.98 -25.18
CA ASN A 287 6.33 -27.08 -25.34
C ASN A 287 6.45 -27.82 -24.00
N ALA A 288 6.54 -27.08 -22.90
CA ALA A 288 6.66 -27.71 -21.58
C ALA A 288 5.48 -28.65 -21.26
N CYS A 289 4.27 -28.19 -21.52
CA CYS A 289 3.09 -28.99 -21.25
C CYS A 289 2.98 -30.19 -22.19
N GLU A 290 3.17 -29.95 -23.48
CA GLU A 290 3.02 -31.01 -24.47
C GLU A 290 4.15 -32.03 -24.52
N LYS A 291 5.37 -31.55 -24.57
CA LYS A 291 6.54 -32.42 -24.69
C LYS A 291 7.22 -32.85 -23.40
N ILE A 292 7.42 -31.91 -22.48
CA ILE A 292 8.10 -32.25 -21.24
C ILE A 292 7.19 -32.99 -20.29
N TRP A 293 6.15 -32.31 -19.82
CA TRP A 293 5.21 -32.98 -18.92
C TRP A 293 4.43 -34.07 -19.66
N GLY A 294 3.99 -33.73 -20.87
CA GLY A 294 3.13 -34.59 -21.68
C GLY A 294 3.72 -35.86 -22.24
N GLU A 295 5.05 -35.90 -22.37
CA GLU A 295 5.73 -37.05 -22.94
C GLU A 295 6.95 -37.47 -22.12
N ASP A 296 8.00 -36.66 -22.12
CA ASP A 296 9.24 -36.98 -21.41
C ASP A 296 9.07 -37.41 -19.96
N LEU A 297 8.31 -36.63 -19.19
CA LEU A 297 8.12 -36.89 -17.77
C LEU A 297 6.74 -37.42 -17.40
N ARG A 298 5.93 -37.76 -18.40
CA ARG A 298 4.57 -38.23 -18.15
C ARG A 298 4.49 -39.38 -17.15
N HIS A 299 5.49 -40.28 -17.20
CA HIS A 299 5.52 -41.42 -16.27
C HIS A 299 5.64 -41.03 -14.79
N LEU A 300 6.19 -39.85 -14.53
CA LEU A 300 6.36 -39.35 -13.16
C LEU A 300 5.13 -38.60 -12.66
N ILE A 301 4.22 -38.30 -13.58
CA ILE A 301 3.00 -37.55 -13.26
C ILE A 301 1.81 -38.51 -13.02
N VAL A 302 1.59 -39.42 -13.95
CA VAL A 302 0.46 -40.35 -13.83
C VAL A 302 0.56 -41.29 -12.63
N SER A 303 1.72 -41.33 -11.99
CA SER A 303 1.93 -42.21 -10.84
C SER A 303 1.66 -41.50 -9.52
N ARG A 304 1.41 -40.20 -9.58
CA ARG A 304 1.18 -39.39 -8.38
C ARG A 304 -0.16 -39.62 -7.69
N SER A 305 -0.15 -39.44 -6.38
CA SER A 305 -1.36 -39.60 -5.57
C SER A 305 -2.33 -38.43 -5.76
N THR A 306 -3.61 -38.70 -5.52
CA THR A 306 -4.67 -37.71 -5.59
C THR A 306 -4.44 -36.61 -4.55
N GLN A 307 -3.72 -36.95 -3.49
CA GLN A 307 -3.39 -35.98 -2.44
C GLN A 307 -2.12 -35.20 -2.78
N ALA A 308 -1.47 -35.55 -3.89
CA ALA A 308 -0.22 -34.90 -4.28
C ALA A 308 -0.10 -34.60 -5.78
N PRO A 309 -1.09 -33.90 -6.34
CA PRO A 309 -1.00 -33.63 -7.76
C PRO A 309 0.17 -32.73 -8.15
N LEU A 310 0.51 -32.77 -9.44
CA LEU A 310 1.43 -31.80 -10.02
C LEU A 310 0.51 -30.65 -10.39
N ILE A 311 0.91 -29.42 -10.06
CA ILE A 311 0.10 -28.25 -10.39
C ILE A 311 0.92 -27.41 -11.37
N ILE A 312 0.56 -27.50 -12.64
CA ILE A 312 1.26 -26.78 -13.70
C ILE A 312 0.93 -25.29 -13.60
N ARG A 313 1.96 -24.44 -13.64
CA ARG A 313 1.74 -23.01 -13.54
C ARG A 313 2.25 -22.21 -14.72
N PRO A 314 1.33 -21.69 -15.55
CA PRO A 314 1.71 -20.76 -16.62
C PRO A 314 1.87 -19.42 -15.91
N ASP A 315 2.66 -18.51 -16.47
CA ASP A 315 2.90 -17.22 -15.80
C ASP A 315 3.10 -16.07 -16.78
N SER A 316 2.57 -16.19 -17.99
CA SER A 316 2.77 -15.14 -18.99
C SER A 316 1.81 -15.31 -20.15
N GLY A 317 1.66 -14.27 -20.97
CA GLY A 317 0.75 -14.29 -22.10
C GLY A 317 -0.64 -13.84 -21.67
N ASN A 318 -1.58 -13.83 -22.61
CA ASN A 318 -2.94 -13.46 -22.28
C ASN A 318 -3.46 -14.53 -21.31
N PRO A 319 -3.91 -14.12 -20.12
CA PRO A 319 -4.33 -15.09 -19.09
C PRO A 319 -5.36 -16.11 -19.55
N LEU A 320 -6.43 -15.65 -20.21
CA LEU A 320 -7.45 -16.61 -20.67
C LEU A 320 -6.94 -17.51 -21.80
N ASP A 321 -6.33 -16.90 -22.83
CA ASP A 321 -5.84 -17.68 -23.97
C ASP A 321 -4.88 -18.76 -23.53
N THR A 322 -3.97 -18.39 -22.64
CA THR A 322 -2.96 -19.31 -22.13
C THR A 322 -3.58 -20.46 -21.38
N VAL A 323 -4.50 -20.15 -20.45
CA VAL A 323 -5.20 -21.18 -19.73
C VAL A 323 -5.92 -22.17 -20.66
N LEU A 324 -6.66 -21.65 -21.63
CA LEU A 324 -7.40 -22.53 -22.55
C LEU A 324 -6.47 -23.42 -23.37
N LYS A 325 -5.37 -22.84 -23.85
CA LYS A 325 -4.43 -23.60 -24.67
C LYS A 325 -3.71 -24.65 -23.81
N VAL A 326 -3.33 -24.29 -22.59
CA VAL A 326 -2.69 -25.26 -21.68
C VAL A 326 -3.64 -26.43 -21.42
N LEU A 327 -4.91 -26.13 -21.15
CA LEU A 327 -5.89 -27.20 -20.87
C LEU A 327 -6.10 -28.09 -22.10
N GLU A 328 -6.15 -27.48 -23.28
CA GLU A 328 -6.34 -28.25 -24.52
C GLU A 328 -5.14 -29.18 -24.72
N ILE A 329 -3.95 -28.67 -24.49
CA ILE A 329 -2.75 -29.49 -24.60
C ILE A 329 -2.82 -30.66 -23.63
N LEU A 330 -3.06 -30.36 -22.37
CA LEU A 330 -3.09 -31.39 -21.33
C LEU A 330 -4.17 -32.43 -21.59
N GLY A 331 -5.30 -31.98 -22.10
CA GLY A 331 -6.43 -32.85 -22.36
C GLY A 331 -6.12 -33.87 -23.44
N LYS A 332 -5.11 -33.57 -24.26
CA LYS A 332 -4.75 -34.48 -25.34
C LYS A 332 -3.62 -35.43 -24.92
N LYS A 333 -2.92 -35.08 -23.85
CA LYS A 333 -1.82 -35.93 -23.35
C LYS A 333 -2.19 -36.77 -22.13
N PHE A 334 -3.26 -36.39 -21.43
CA PHE A 334 -3.67 -37.10 -20.23
C PHE A 334 -5.14 -37.50 -20.33
N PRO A 335 -5.55 -38.56 -19.61
CA PRO A 335 -6.94 -39.05 -19.66
C PRO A 335 -7.95 -38.14 -18.99
N VAL A 336 -8.70 -37.39 -19.77
CA VAL A 336 -9.72 -36.55 -19.16
C VAL A 336 -11.07 -37.25 -19.09
N THR A 337 -11.83 -36.93 -18.05
CA THR A 337 -13.15 -37.49 -17.86
C THR A 337 -14.15 -36.36 -18.00
N GLU A 338 -15.43 -36.73 -18.00
CA GLU A 338 -16.49 -35.75 -18.07
C GLU A 338 -17.29 -35.93 -16.77
N ASN A 339 -17.35 -34.87 -15.98
CA ASN A 339 -18.04 -34.95 -14.70
C ASN A 339 -19.56 -35.03 -14.85
N SER A 340 -20.25 -35.10 -13.72
CA SER A 340 -21.70 -35.25 -13.72
C SER A 340 -22.45 -34.09 -14.36
N LYS A 341 -21.78 -32.95 -14.50
CA LYS A 341 -22.40 -31.77 -15.12
C LYS A 341 -22.10 -31.67 -16.60
N GLY A 342 -21.25 -32.56 -17.11
CA GLY A 342 -20.88 -32.57 -18.51
C GLY A 342 -19.60 -31.80 -18.80
N TYR A 343 -18.92 -31.37 -17.74
CA TYR A 343 -17.67 -30.63 -17.90
C TYR A 343 -16.43 -31.50 -17.80
N LYS A 344 -15.43 -31.14 -18.60
CA LYS A 344 -14.18 -31.89 -18.63
C LYS A 344 -13.35 -31.71 -17.38
N LEU A 345 -12.76 -32.82 -16.94
CA LEU A 345 -11.96 -32.85 -15.74
C LEU A 345 -10.65 -33.61 -15.97
N LEU A 346 -9.54 -32.95 -15.64
CA LEU A 346 -8.22 -33.56 -15.75
C LEU A 346 -8.14 -34.70 -14.71
N PRO A 347 -7.25 -35.68 -14.92
CA PRO A 347 -7.11 -36.72 -13.88
C PRO A 347 -6.65 -36.07 -12.56
N PRO A 348 -6.96 -36.72 -11.43
CA PRO A 348 -6.71 -36.18 -10.08
C PRO A 348 -5.27 -35.82 -9.70
N TYR A 349 -4.29 -36.40 -10.38
CA TYR A 349 -2.89 -36.09 -10.10
C TYR A 349 -2.39 -34.86 -10.90
N LEU A 350 -3.30 -34.19 -11.60
CA LEU A 350 -2.92 -33.04 -12.42
C LEU A 350 -3.89 -31.86 -12.35
N ARG A 351 -3.35 -30.70 -11.98
CA ARG A 351 -4.15 -29.46 -11.92
C ARG A 351 -3.34 -28.29 -12.51
N VAL A 352 -3.97 -27.13 -12.57
CA VAL A 352 -3.34 -25.92 -13.10
C VAL A 352 -3.60 -24.75 -12.16
N ILE A 353 -2.65 -23.83 -12.09
CA ILE A 353 -2.81 -22.59 -11.34
C ILE A 353 -2.39 -21.42 -12.24
N GLN A 354 -3.29 -20.49 -12.44
CA GLN A 354 -3.01 -19.30 -13.23
C GLN A 354 -2.69 -18.21 -12.21
N GLY A 355 -1.41 -17.85 -12.08
CA GLY A 355 -0.98 -16.87 -11.11
C GLY A 355 -0.47 -15.56 -11.68
N ASP A 356 -0.76 -15.33 -12.96
CA ASP A 356 -0.35 -14.08 -13.60
C ASP A 356 -1.57 -13.35 -14.14
N GLY A 357 -1.55 -12.02 -14.02
CA GLY A 357 -2.60 -11.15 -14.54
C GLY A 357 -3.98 -11.35 -13.98
N VAL A 358 -4.09 -11.89 -12.77
CA VAL A 358 -5.39 -12.14 -12.16
C VAL A 358 -5.84 -10.99 -11.25
N ASP A 359 -7.01 -10.45 -11.55
CA ASP A 359 -7.63 -9.45 -10.68
C ASP A 359 -9.12 -9.70 -10.79
N ILE A 360 -9.93 -8.96 -10.05
CA ILE A 360 -11.36 -9.23 -10.07
C ILE A 360 -11.96 -9.31 -11.48
N ASN A 361 -11.45 -8.46 -12.39
CA ASN A 361 -11.95 -8.45 -13.77
C ASN A 361 -11.55 -9.65 -14.59
N THR A 362 -10.26 -9.91 -14.65
CA THR A 362 -9.76 -11.02 -15.43
C THR A 362 -10.24 -12.37 -14.91
N LEU A 363 -10.40 -12.49 -13.58
CA LEU A 363 -10.86 -13.75 -12.99
C LEU A 363 -12.17 -14.19 -13.64
N GLN A 364 -13.09 -13.24 -13.71
CA GLN A 364 -14.39 -13.46 -14.31
C GLN A 364 -14.29 -13.88 -15.77
N GLU A 365 -13.42 -13.21 -16.53
CA GLU A 365 -13.24 -13.53 -17.94
C GLU A 365 -12.68 -14.95 -18.11
N ILE A 366 -11.78 -15.33 -17.20
CA ILE A 366 -11.17 -16.65 -17.28
C ILE A 366 -12.19 -17.75 -17.00
N VAL A 367 -12.89 -17.66 -15.86
CA VAL A 367 -13.83 -18.74 -15.54
C VAL A 367 -14.96 -18.83 -16.58
N GLU A 368 -15.41 -17.69 -17.09
CA GLU A 368 -16.46 -17.72 -18.10
C GLU A 368 -15.95 -18.37 -19.39
N GLY A 369 -14.69 -18.07 -19.73
CA GLY A 369 -14.06 -18.61 -20.93
C GLY A 369 -13.86 -20.10 -20.81
N MET A 370 -13.48 -20.54 -19.61
CA MET A 370 -13.32 -21.98 -19.33
C MET A 370 -14.68 -22.67 -19.46
N LYS A 371 -15.70 -22.10 -18.85
CA LYS A 371 -17.04 -22.69 -18.93
C LYS A 371 -17.52 -22.82 -20.38
N GLN A 372 -17.25 -21.81 -21.19
CA GLN A 372 -17.68 -21.85 -22.59
C GLN A 372 -17.01 -22.98 -23.35
N LYS A 373 -15.78 -23.31 -22.98
CA LYS A 373 -15.03 -24.37 -23.63
C LYS A 373 -15.23 -25.71 -22.90
N MET A 374 -16.21 -25.76 -22.00
CA MET A 374 -16.54 -26.97 -21.24
C MET A 374 -15.50 -27.54 -20.26
N TRP A 375 -14.67 -26.67 -19.68
CA TRP A 375 -13.69 -27.09 -18.68
C TRP A 375 -14.19 -26.76 -17.28
N SER A 376 -14.15 -27.74 -16.39
CA SER A 376 -14.61 -27.53 -15.02
C SER A 376 -13.69 -26.56 -14.27
N ILE A 377 -14.27 -25.75 -13.41
CA ILE A 377 -13.46 -24.85 -12.57
C ILE A 377 -12.69 -25.68 -11.52
N GLU A 378 -13.04 -26.97 -11.39
CA GLU A 378 -12.28 -27.82 -10.47
C GLU A 378 -10.83 -28.06 -10.95
N ASN A 379 -10.58 -27.83 -12.23
CA ASN A 379 -9.25 -28.03 -12.79
C ASN A 379 -8.23 -26.97 -12.38
N ILE A 380 -8.73 -25.86 -11.84
CA ILE A 380 -7.89 -24.69 -11.63
C ILE A 380 -7.98 -23.99 -10.30
N ALA A 381 -6.91 -23.28 -9.99
CA ALA A 381 -6.84 -22.36 -8.87
C ALA A 381 -6.22 -21.10 -9.46
N PHE A 382 -6.40 -19.99 -8.78
CA PHE A 382 -5.86 -18.72 -9.23
C PHE A 382 -4.95 -18.12 -8.15
N GLY A 383 -3.92 -17.43 -8.59
CA GLY A 383 -3.03 -16.72 -7.68
C GLY A 383 -3.11 -15.24 -8.05
N SER A 384 -3.04 -14.36 -7.05
CA SER A 384 -3.11 -12.93 -7.34
C SER A 384 -2.29 -12.24 -6.26
N GLY A 385 -1.42 -11.31 -6.63
CA GLY A 385 -0.54 -10.65 -5.68
C GLY A 385 -0.83 -9.15 -5.59
N GLY A 386 -0.23 -8.37 -6.48
CA GLY A 386 -0.50 -6.94 -6.53
C GLY A 386 -1.98 -6.66 -6.74
N GLY A 387 -2.63 -7.44 -7.60
CA GLY A 387 -4.04 -7.24 -7.89
C GLY A 387 -4.94 -7.47 -6.69
N LEU A 388 -4.51 -8.34 -5.79
CA LEU A 388 -5.26 -8.70 -4.59
C LEU A 388 -5.02 -7.75 -3.40
N LEU A 389 -3.75 -7.40 -3.21
CA LEU A 389 -3.34 -6.62 -2.04
C LEU A 389 -2.86 -5.19 -2.25
N GLN A 390 -2.48 -4.84 -3.48
CA GLN A 390 -1.94 -3.50 -3.72
C GLN A 390 -2.77 -2.58 -4.58
N LYS A 391 -3.35 -3.12 -5.64
CA LYS A 391 -4.13 -2.31 -6.58
C LYS A 391 -5.53 -2.00 -6.04
N LEU A 392 -5.58 -1.28 -4.93
CA LEU A 392 -6.82 -0.90 -4.27
C LEU A 392 -6.59 0.44 -3.61
N THR A 393 -7.65 1.25 -3.51
CA THR A 393 -7.50 2.56 -2.90
C THR A 393 -8.70 2.83 -1.98
N ARG A 394 -8.58 3.89 -1.20
CA ARG A 394 -9.62 4.28 -0.27
C ARG A 394 -10.89 4.72 -0.98
N ASP A 395 -10.78 5.14 -2.23
CA ASP A 395 -11.97 5.58 -2.96
C ASP A 395 -12.78 4.47 -3.63
N LEU A 396 -12.28 3.23 -3.63
CA LEU A 396 -13.02 2.11 -4.21
C LEU A 396 -14.36 1.93 -3.48
N LEU A 397 -14.32 1.96 -2.15
CA LEU A 397 -15.55 1.86 -1.34
C LEU A 397 -15.95 3.20 -0.72
N ASN A 398 -15.26 4.26 -1.14
CA ASN A 398 -15.51 5.61 -0.62
C ASN A 398 -15.49 5.65 0.91
N CYS A 399 -14.46 5.07 1.49
CA CYS A 399 -14.29 5.04 2.94
C CYS A 399 -14.00 6.46 3.41
N SER A 400 -14.82 6.94 4.35
CA SER A 400 -14.75 8.31 4.82
C SER A 400 -15.12 8.40 6.32
N PHE A 401 -14.45 9.32 7.02
CA PHE A 401 -14.63 9.56 8.45
C PHE A 401 -15.04 11.02 8.58
N LYS A 402 -16.16 11.28 9.24
CA LYS A 402 -16.67 12.64 9.35
C LYS A 402 -17.33 12.91 10.71
N CYS A 403 -17.28 14.16 11.13
CA CYS A 403 -17.94 14.60 12.35
C CYS A 403 -19.42 14.83 12.02
N SER A 404 -20.31 14.24 12.81
CA SER A 404 -21.75 14.38 12.58
C SER A 404 -22.49 15.02 13.77
N TYR A 405 -21.78 15.22 14.88
CA TYR A 405 -22.43 15.76 16.08
C TYR A 405 -21.43 16.41 17.02
N VAL A 406 -21.81 17.56 17.57
CA VAL A 406 -20.97 18.25 18.56
C VAL A 406 -21.86 18.83 19.65
N VAL A 407 -21.27 19.04 20.81
CA VAL A 407 -21.95 19.70 21.92
C VAL A 407 -21.13 20.95 22.21
N THR A 408 -21.77 22.10 22.12
CA THR A 408 -21.11 23.38 22.35
C THR A 408 -22.01 24.19 23.30
N ASN A 409 -21.43 24.70 24.38
CA ASN A 409 -22.19 25.43 25.40
C ASN A 409 -23.36 24.59 25.91
N GLY A 410 -23.11 23.29 26.07
CA GLY A 410 -24.11 22.38 26.59
C GLY A 410 -25.23 21.97 25.65
N LEU A 411 -25.21 22.50 24.43
CA LEU A 411 -26.25 22.18 23.46
C LEU A 411 -25.72 21.32 22.30
N GLY A 412 -26.39 20.20 22.02
CA GLY A 412 -25.99 19.32 20.94
C GLY A 412 -26.47 19.86 19.62
N ILE A 413 -25.65 19.76 18.58
CA ILE A 413 -26.05 20.21 17.25
C ILE A 413 -25.63 19.15 16.22
N ASN A 414 -26.49 18.91 15.23
CA ASN A 414 -26.21 17.94 14.17
C ASN A 414 -25.40 18.64 13.08
N VAL A 415 -24.23 18.08 12.79
CA VAL A 415 -23.33 18.70 11.81
C VAL A 415 -23.05 17.80 10.61
N PHE A 416 -22.67 18.41 9.51
CA PHE A 416 -22.47 17.65 8.29
C PHE A 416 -21.87 18.54 7.22
N LYS A 417 -21.42 17.92 6.14
CA LYS A 417 -20.92 18.66 4.99
C LYS A 417 -21.86 18.31 3.85
N ASP A 418 -21.98 19.20 2.87
CA ASP A 418 -22.86 18.97 1.73
C ASP A 418 -22.40 19.86 0.59
N PRO A 419 -21.25 19.52 -0.02
CA PRO A 419 -20.70 20.37 -1.09
C PRO A 419 -21.65 20.49 -2.28
N VAL A 420 -21.86 21.72 -2.74
CA VAL A 420 -22.76 22.00 -3.85
C VAL A 420 -22.47 21.20 -5.12
N ALA A 421 -21.19 21.07 -5.48
CA ALA A 421 -20.82 20.40 -6.72
C ALA A 421 -20.77 18.88 -6.65
N ASP A 422 -20.88 18.32 -5.45
CA ASP A 422 -20.82 16.87 -5.33
C ASP A 422 -21.68 16.32 -4.20
N PRO A 423 -22.96 16.06 -4.50
CA PRO A 423 -23.98 15.49 -3.62
C PRO A 423 -23.53 14.16 -3.01
N ASN A 424 -22.59 13.50 -3.68
CA ASN A 424 -22.06 12.23 -3.22
C ASN A 424 -21.22 12.41 -1.95
N LYS A 425 -20.71 13.63 -1.75
CA LYS A 425 -19.85 13.91 -0.60
C LYS A 425 -20.64 14.38 0.62
N ARG A 426 -21.96 14.34 0.52
CA ARG A 426 -22.80 14.72 1.65
C ARG A 426 -22.62 13.72 2.79
N SER A 427 -22.43 14.21 4.00
CA SER A 427 -22.24 13.34 5.18
C SER A 427 -23.51 13.24 6.03
N LYS A 428 -23.54 12.26 6.93
CA LYS A 428 -24.71 12.01 7.78
C LYS A 428 -24.82 13.01 8.93
N LYS A 429 -26.03 13.17 9.47
CA LYS A 429 -26.26 14.15 10.53
C LYS A 429 -26.59 13.58 11.92
N GLY A 430 -25.95 14.18 12.93
CA GLY A 430 -26.21 13.88 14.32
C GLY A 430 -25.79 12.52 14.81
N ARG A 431 -26.37 12.12 15.94
CA ARG A 431 -26.05 10.84 16.55
C ARG A 431 -26.62 9.69 15.73
N LEU A 432 -25.77 8.71 15.46
CA LEU A 432 -26.11 7.59 14.58
C LEU A 432 -26.26 6.25 15.28
N SER A 433 -27.01 5.36 14.64
CA SER A 433 -27.19 3.99 15.11
C SER A 433 -27.52 3.11 13.91
N LEU A 434 -27.12 1.85 14.00
CA LEU A 434 -27.34 0.87 12.94
C LEU A 434 -28.42 -0.12 13.42
N HIS A 435 -29.41 -0.36 12.57
CA HIS A 435 -30.54 -1.22 12.91
C HIS A 435 -30.92 -2.20 11.81
N ARG A 436 -31.72 -3.18 12.20
CA ARG A 436 -32.29 -4.13 11.26
C ARG A 436 -33.62 -3.51 10.87
N THR A 437 -34.01 -3.65 9.61
CA THR A 437 -35.31 -3.17 9.16
C THR A 437 -36.30 -4.33 9.33
N PRO A 438 -37.62 -4.05 9.27
CA PRO A 438 -38.59 -5.15 9.38
C PRO A 438 -38.33 -6.27 8.37
N ALA A 439 -37.78 -5.94 7.21
CA ALA A 439 -37.46 -6.96 6.21
C ALA A 439 -36.14 -7.68 6.47
N GLY A 440 -35.44 -7.31 7.54
CA GLY A 440 -34.19 -7.96 7.88
C GLY A 440 -32.98 -7.34 7.21
N ASN A 441 -33.14 -6.15 6.67
CA ASN A 441 -32.02 -5.46 6.02
C ASN A 441 -31.41 -4.50 7.04
N PHE A 442 -30.51 -3.65 6.57
CA PHE A 442 -29.85 -2.68 7.43
C PHE A 442 -30.30 -1.26 7.16
N VAL A 443 -30.29 -0.44 8.20
CA VAL A 443 -30.58 0.98 8.07
C VAL A 443 -29.78 1.76 9.11
N THR A 444 -29.28 2.93 8.71
CA THR A 444 -28.58 3.81 9.63
C THR A 444 -29.51 4.95 10.00
N LEU A 445 -29.83 5.07 11.28
CA LEU A 445 -30.71 6.15 11.72
C LEU A 445 -29.85 7.35 12.13
N GLU A 446 -30.25 8.52 11.66
CA GLU A 446 -29.53 9.76 11.94
C GLU A 446 -30.25 10.62 12.97
N GLU A 447 -29.62 11.72 13.36
CA GLU A 447 -30.23 12.68 14.28
C GLU A 447 -30.74 12.08 15.59
N GLY A 448 -30.06 11.04 16.08
CA GLY A 448 -30.43 10.39 17.32
C GLY A 448 -31.76 9.64 17.25
N LYS A 449 -32.33 9.51 16.05
CA LYS A 449 -33.64 8.84 15.90
C LYS A 449 -33.70 7.43 16.44
N GLY A 450 -32.56 6.78 16.57
CA GLY A 450 -32.54 5.45 17.15
C GLY A 450 -33.10 5.48 18.57
N ASP A 451 -33.01 6.64 19.22
CA ASP A 451 -33.50 6.82 20.59
C ASP A 451 -34.97 6.43 20.69
N LEU A 452 -35.74 6.74 19.65
CA LEU A 452 -37.12 6.30 19.59
C LEU A 452 -36.89 4.80 19.42
N GLU A 453 -37.77 3.96 19.95
CA GLU A 453 -37.52 2.53 19.85
C GLU A 453 -38.30 1.90 18.71
N GLU A 454 -38.26 2.54 17.55
CA GLU A 454 -39.02 2.07 16.40
C GLU A 454 -38.34 1.02 15.54
N TYR A 455 -37.03 0.88 15.71
CA TYR A 455 -36.24 -0.04 14.89
C TYR A 455 -35.39 -1.01 15.71
N GLY A 456 -35.85 -1.34 16.92
CA GLY A 456 -35.11 -2.27 17.76
C GLY A 456 -33.80 -1.70 18.26
N GLN A 457 -32.94 -2.57 18.81
CA GLN A 457 -31.66 -2.13 19.34
C GLN A 457 -30.58 -1.82 18.31
N ASP A 458 -29.70 -0.90 18.70
CA ASP A 458 -28.55 -0.48 17.88
C ASP A 458 -27.61 -1.67 17.76
N LEU A 459 -27.22 -2.00 16.52
CA LEU A 459 -26.34 -3.13 16.26
C LEU A 459 -24.84 -2.88 16.56
N LEU A 460 -24.45 -1.63 16.72
CA LEU A 460 -23.06 -1.34 17.05
C LEU A 460 -22.84 -1.68 18.54
N HIS A 461 -21.63 -2.14 18.85
CA HIS A 461 -21.21 -2.48 20.23
C HIS A 461 -20.00 -1.61 20.61
N THR A 462 -19.89 -1.24 21.88
CA THR A 462 -18.70 -0.53 22.36
C THR A 462 -17.53 -1.49 22.25
N VAL A 463 -16.50 -1.12 21.49
CA VAL A 463 -15.32 -1.98 21.34
C VAL A 463 -14.11 -1.40 22.05
N PHE A 464 -14.13 -0.09 22.30
CA PHE A 464 -13.00 0.57 22.96
C PHE A 464 -13.57 1.65 23.85
N LYS A 465 -13.05 1.75 25.07
CA LYS A 465 -13.46 2.79 25.98
C LYS A 465 -12.35 3.08 26.98
N ASN A 466 -11.93 4.33 27.01
CA ASN A 466 -10.90 4.82 27.94
C ASN A 466 -9.64 3.94 28.02
N GLY A 467 -9.03 3.66 26.87
CA GLY A 467 -7.79 2.90 26.85
C GLY A 467 -7.92 1.40 26.86
N LYS A 468 -9.14 0.88 26.97
CA LYS A 468 -9.34 -0.56 26.98
C LYS A 468 -10.17 -1.08 25.82
N VAL A 469 -9.80 -2.25 25.31
CA VAL A 469 -10.58 -2.93 24.29
C VAL A 469 -11.68 -3.65 25.09
N THR A 470 -12.93 -3.31 24.78
CA THR A 470 -14.06 -3.84 25.55
C THR A 470 -14.83 -5.01 24.94
N LYS A 471 -14.63 -5.25 23.65
CA LYS A 471 -15.32 -6.34 22.96
C LYS A 471 -14.44 -6.74 21.79
N SER A 472 -14.29 -8.05 21.58
CA SER A 472 -13.40 -8.56 20.55
C SER A 472 -13.96 -9.79 19.85
N TYR A 473 -13.34 -10.17 18.74
CA TYR A 473 -13.80 -11.31 17.96
C TYR A 473 -12.64 -12.20 17.58
N SER A 474 -12.85 -13.51 17.54
CA SER A 474 -11.78 -14.41 17.13
C SER A 474 -11.79 -14.40 15.60
N PHE A 475 -10.71 -14.85 14.98
CA PHE A 475 -10.69 -14.93 13.52
C PHE A 475 -11.73 -15.95 13.02
N ASP A 476 -12.01 -16.97 13.84
CA ASP A 476 -13.01 -17.97 13.44
C ASP A 476 -14.39 -17.33 13.38
N GLU A 477 -14.70 -16.45 14.33
CA GLU A 477 -16.00 -15.76 14.36
C GLU A 477 -16.13 -14.87 13.12
N ILE A 478 -15.05 -14.18 12.81
CA ILE A 478 -15.02 -13.27 11.66
C ILE A 478 -15.31 -13.99 10.34
N ARG A 479 -14.63 -15.12 10.12
CA ARG A 479 -14.84 -15.92 8.92
C ARG A 479 -16.30 -16.34 8.83
N LYS A 480 -16.85 -16.75 9.96
CA LYS A 480 -18.24 -17.19 10.01
C LYS A 480 -19.15 -16.04 9.59
N ASN A 481 -18.91 -14.85 10.13
CA ASN A 481 -19.76 -13.69 9.79
C ASN A 481 -19.65 -13.36 8.30
N ALA A 482 -18.46 -13.58 7.72
CA ALA A 482 -18.17 -13.20 6.34
C ALA A 482 -18.56 -14.21 5.26
N GLN A 483 -19.12 -15.33 5.70
CA GLN A 483 -19.51 -16.42 4.78
C GLN A 483 -20.44 -15.97 3.67
N LEU A 484 -20.34 -16.63 2.52
CA LEU A 484 -21.24 -16.32 1.41
C LEU A 484 -22.59 -16.94 1.75
N ASN A 485 -23.66 -16.38 1.20
CA ASN A 485 -25.01 -16.92 1.38
C ASN A 485 -25.07 -18.31 0.75
N PHE B 11 10.37 -8.91 14.69
CA PHE B 11 10.58 -9.27 13.29
C PHE B 11 11.49 -10.49 13.16
N ASN B 12 11.06 -11.43 12.33
CA ASN B 12 11.80 -12.66 12.11
C ASN B 12 11.99 -12.89 10.60
N ILE B 13 13.20 -12.65 10.11
CA ILE B 13 13.52 -12.82 8.70
C ILE B 13 13.22 -14.20 8.12
N LEU B 14 13.23 -15.21 8.98
CA LEU B 14 12.90 -16.56 8.54
C LEU B 14 11.42 -16.64 8.18
N LEU B 15 10.62 -15.69 8.67
CA LEU B 15 9.19 -15.69 8.37
C LEU B 15 8.83 -14.50 7.48
N ALA B 16 9.82 -13.92 6.83
CA ALA B 16 9.59 -12.73 6.00
C ALA B 16 9.91 -12.97 4.54
N THR B 17 9.41 -14.08 4.01
CA THR B 17 9.60 -14.43 2.61
C THR B 17 8.32 -15.06 2.07
N ASP B 18 8.22 -15.16 0.75
CA ASP B 18 7.07 -15.86 0.15
C ASP B 18 7.22 -17.31 0.60
N SER B 19 6.12 -17.92 1.01
CA SER B 19 6.13 -19.32 1.47
C SER B 19 6.93 -20.26 0.59
N TYR B 20 6.67 -20.27 -0.72
CA TYR B 20 7.38 -21.19 -1.60
C TYR B 20 8.89 -21.13 -1.54
N LYS B 21 9.43 -19.97 -1.19
CA LYS B 21 10.88 -19.82 -1.09
C LYS B 21 11.49 -20.71 -0.01
N VAL B 22 10.66 -21.09 0.95
CA VAL B 22 11.08 -22.00 2.01
C VAL B 22 11.52 -23.33 1.40
N THR B 23 10.94 -23.66 0.25
CA THR B 23 11.18 -24.95 -0.40
C THR B 23 12.24 -24.94 -1.49
N HIS B 24 12.76 -23.77 -1.82
CA HIS B 24 13.72 -23.66 -2.92
C HIS B 24 15.08 -24.32 -2.79
N TYR B 25 15.57 -24.44 -1.56
CA TYR B 25 16.88 -25.06 -1.32
C TYR B 25 16.94 -26.50 -1.83
N LYS B 26 15.79 -27.12 -2.05
CA LYS B 26 15.75 -28.50 -2.56
C LYS B 26 15.52 -28.52 -4.07
N GLN B 27 15.41 -27.34 -4.68
CA GLN B 27 15.09 -27.26 -6.11
C GLN B 27 16.23 -26.86 -7.05
N TYR B 28 17.19 -26.10 -6.52
CA TYR B 28 18.33 -25.65 -7.33
C TYR B 28 19.15 -26.86 -7.80
N PRO B 29 19.91 -26.69 -8.89
CA PRO B 29 20.71 -27.83 -9.32
C PRO B 29 21.69 -28.27 -8.21
N PRO B 30 21.91 -29.59 -8.08
CA PRO B 30 22.90 -30.03 -7.10
C PRO B 30 24.27 -29.45 -7.42
N ASN B 31 25.07 -29.23 -6.39
CA ASN B 31 26.42 -28.70 -6.53
C ASN B 31 26.46 -27.23 -6.96
N THR B 32 25.45 -26.47 -6.56
CA THR B 32 25.40 -25.03 -6.86
C THR B 32 25.98 -24.30 -5.67
N SER B 33 27.02 -23.51 -5.92
CA SER B 33 27.74 -22.77 -4.89
C SER B 33 27.45 -21.26 -4.93
N LYS B 34 26.85 -20.81 -6.03
CA LYS B 34 26.54 -19.39 -6.15
C LYS B 34 25.24 -19.14 -6.89
N VAL B 35 24.45 -18.22 -6.35
CA VAL B 35 23.23 -17.74 -6.99
C VAL B 35 23.34 -16.22 -6.97
N TYR B 36 23.33 -15.61 -8.15
CA TYR B 36 23.52 -14.17 -8.31
C TYR B 36 22.27 -13.63 -9.03
N SER B 37 21.66 -12.63 -8.43
CA SER B 37 20.39 -12.09 -8.91
C SER B 37 20.46 -10.56 -8.98
N TYR B 38 19.57 -9.96 -9.76
CA TYR B 38 19.57 -8.51 -9.91
C TYR B 38 18.16 -7.93 -9.95
N PHE B 39 18.09 -6.62 -9.72
CA PHE B 39 16.80 -5.88 -9.72
C PHE B 39 16.81 -4.82 -10.80
N GLU B 40 15.72 -4.72 -11.56
CA GLU B 40 15.59 -3.65 -12.57
C GLU B 40 14.14 -3.18 -12.68
N CYS B 41 13.95 -2.02 -13.29
CA CYS B 41 12.62 -1.50 -13.60
C CYS B 41 12.53 -1.75 -15.11
N ARG B 42 12.13 -2.97 -15.44
CA ARG B 42 12.15 -3.48 -16.79
C ARG B 42 11.50 -2.62 -17.86
N GLU B 43 12.07 -2.72 -19.06
CA GLU B 43 11.54 -2.10 -20.27
C GLU B 43 12.07 -0.73 -20.59
N TYR B 56 7.25 7.03 -18.01
CA TYR B 56 8.23 6.79 -16.94
C TYR B 56 9.53 6.20 -17.49
N GLU B 57 10.24 6.99 -18.30
CA GLU B 57 11.48 6.55 -18.94
C GLU B 57 12.68 6.43 -18.02
N GLU B 58 12.64 7.11 -16.88
CA GLU B 58 13.75 7.10 -15.93
C GLU B 58 13.21 7.01 -14.50
N THR B 59 13.93 6.28 -13.65
CA THR B 59 13.47 6.06 -12.28
C THR B 59 14.46 6.59 -11.26
N VAL B 60 13.93 7.05 -10.14
CA VAL B 60 14.73 7.51 -9.01
C VAL B 60 14.99 6.28 -8.14
N PHE B 61 16.27 5.90 -7.96
CA PHE B 61 16.56 4.75 -7.08
C PHE B 61 16.59 5.23 -5.62
N TYR B 62 15.63 4.79 -4.83
CA TYR B 62 15.55 5.21 -3.43
C TYR B 62 14.84 4.17 -2.59
N GLY B 63 15.32 3.99 -1.35
CA GLY B 63 14.66 3.16 -0.36
C GLY B 63 15.39 1.93 0.15
N LEU B 64 16.38 1.47 -0.60
CA LEU B 64 17.09 0.24 -0.23
C LEU B 64 17.74 0.39 1.16
N GLN B 65 18.35 1.54 1.41
CA GLN B 65 19.03 1.79 2.70
C GLN B 65 18.12 1.54 3.89
N TYR B 66 16.86 1.92 3.77
CA TYR B 66 15.89 1.70 4.84
C TYR B 66 15.78 0.18 5.10
N ILE B 67 15.58 -0.57 4.03
CA ILE B 67 15.44 -2.03 4.11
C ILE B 67 16.66 -2.71 4.73
N LEU B 68 17.85 -2.34 4.25
CA LEU B 68 19.11 -2.91 4.74
C LEU B 68 19.23 -2.77 6.26
N ASN B 69 19.01 -1.54 6.74
CA ASN B 69 19.13 -1.23 8.16
C ASN B 69 18.03 -1.80 9.03
N LYS B 70 16.78 -1.65 8.60
CA LYS B 70 15.68 -2.14 9.41
C LYS B 70 15.54 -3.65 9.49
N TYR B 71 15.83 -4.35 8.40
CA TYR B 71 15.58 -5.77 8.30
C TYR B 71 16.72 -6.73 8.05
N LEU B 72 17.77 -6.28 7.38
CA LEU B 72 18.81 -7.20 6.97
C LEU B 72 20.12 -7.24 7.76
N LYS B 73 20.49 -6.11 8.35
CA LYS B 73 21.76 -6.00 9.05
C LYS B 73 21.83 -6.65 10.44
N GLY B 74 23.05 -6.94 10.86
CA GLY B 74 23.34 -7.50 12.17
C GLY B 74 22.91 -8.94 12.37
N LYS B 75 22.70 -9.31 13.63
CA LYS B 75 22.32 -10.67 13.97
C LYS B 75 20.82 -10.84 13.74
N VAL B 76 20.46 -11.46 12.62
CA VAL B 76 19.05 -11.62 12.25
C VAL B 76 18.56 -13.04 12.45
N VAL B 77 19.45 -13.92 12.88
CA VAL B 77 19.09 -15.31 13.16
C VAL B 77 19.40 -15.63 14.63
N THR B 78 18.47 -16.31 15.29
CA THR B 78 18.67 -16.79 16.66
C THR B 78 18.10 -18.20 16.72
N LYS B 79 18.49 -18.97 17.73
CA LYS B 79 17.97 -20.33 17.87
C LYS B 79 16.45 -20.27 18.04
N GLU B 80 15.98 -19.24 18.72
CA GLU B 80 14.54 -19.03 18.93
C GLU B 80 13.81 -18.77 17.61
N LYS B 81 14.39 -17.92 16.77
CA LYS B 81 13.78 -17.59 15.49
C LYS B 81 13.73 -18.82 14.59
N ILE B 82 14.76 -19.65 14.65
CA ILE B 82 14.79 -20.87 13.85
C ILE B 82 13.69 -21.81 14.30
N GLN B 83 13.56 -21.99 15.62
CA GLN B 83 12.54 -22.87 16.18
C GLN B 83 11.14 -22.38 15.86
N GLU B 84 10.92 -21.07 15.97
CA GLU B 84 9.61 -20.48 15.68
C GLU B 84 9.24 -20.71 14.21
N ALA B 85 10.19 -20.52 13.31
CA ALA B 85 9.94 -20.71 11.88
C ALA B 85 9.64 -22.19 11.60
N LYS B 86 10.44 -23.07 12.18
CA LYS B 86 10.23 -24.50 11.98
C LYS B 86 8.80 -24.88 12.37
N ASP B 87 8.35 -24.39 13.52
CA ASP B 87 7.01 -24.69 14.02
C ASP B 87 5.89 -24.13 13.16
N VAL B 88 6.08 -22.92 12.64
CA VAL B 88 5.07 -22.29 11.78
C VAL B 88 4.98 -23.06 10.44
N TYR B 89 6.12 -23.30 9.82
CA TYR B 89 6.15 -24.00 8.54
C TYR B 89 5.61 -25.42 8.57
N LYS B 90 5.86 -26.13 9.66
CA LYS B 90 5.32 -27.49 9.77
C LYS B 90 3.80 -27.48 9.60
N GLU B 91 3.13 -26.50 10.21
CA GLU B 91 1.67 -26.42 10.10
C GLU B 91 1.23 -25.77 8.78
N HIS B 92 1.98 -24.75 8.36
CA HIS B 92 1.62 -24.01 7.13
C HIS B 92 1.70 -24.88 5.88
N PHE B 93 2.68 -25.78 5.84
CA PHE B 93 2.84 -26.68 4.69
C PHE B 93 2.28 -28.06 5.00
N GLN B 94 1.97 -28.29 6.27
CA GLN B 94 1.46 -29.61 6.70
C GLN B 94 2.52 -30.62 6.32
N ASP B 95 3.78 -30.23 6.49
CA ASP B 95 4.89 -31.07 6.08
C ASP B 95 6.16 -30.40 6.56
N ASP B 96 7.23 -31.19 6.63
CA ASP B 96 8.53 -30.71 7.06
C ASP B 96 9.40 -30.47 5.82
N VAL B 97 9.55 -29.21 5.45
CA VAL B 97 10.37 -28.83 4.30
C VAL B 97 11.34 -27.71 4.63
N PHE B 98 11.24 -27.21 5.86
CA PHE B 98 12.08 -26.10 6.33
C PHE B 98 13.58 -26.42 6.45
N ASN B 99 14.41 -25.55 5.86
CA ASN B 99 15.87 -25.72 5.90
C ASN B 99 16.50 -25.35 7.24
N GLU B 100 16.19 -26.14 8.26
CA GLU B 100 16.75 -25.91 9.59
C GLU B 100 18.29 -25.93 9.60
N LYS B 101 18.88 -26.92 8.94
CA LYS B 101 20.34 -27.04 8.90
C LYS B 101 21.00 -25.79 8.30
N GLY B 102 20.46 -25.33 7.18
CA GLY B 102 21.00 -24.16 6.52
C GLY B 102 20.98 -22.90 7.38
N TRP B 103 19.88 -22.66 8.08
CA TRP B 103 19.77 -21.48 8.93
C TRP B 103 20.66 -21.63 10.15
N ASN B 104 20.76 -22.85 10.66
CA ASN B 104 21.64 -23.12 11.81
C ASN B 104 23.09 -22.83 11.48
N TYR B 105 23.46 -23.14 10.24
CA TYR B 105 24.81 -22.90 9.75
C TYR B 105 25.14 -21.40 9.81
N ILE B 106 24.21 -20.56 9.36
CA ILE B 106 24.40 -19.12 9.42
C ILE B 106 24.54 -18.65 10.88
N LEU B 107 23.73 -19.21 11.77
CA LEU B 107 23.78 -18.85 13.17
C LEU B 107 25.14 -19.19 13.77
N GLU B 108 25.56 -20.45 13.63
CA GLU B 108 26.83 -20.90 14.19
C GLU B 108 28.06 -20.30 13.55
N LYS B 109 28.06 -20.21 12.22
CA LYS B 109 29.23 -19.73 11.48
C LYS B 109 29.43 -18.22 11.42
N TYR B 110 28.34 -17.46 11.32
CA TYR B 110 28.43 -16.02 11.15
C TYR B 110 27.73 -15.24 12.25
N ASP B 111 27.50 -15.90 13.39
CA ASP B 111 26.81 -15.26 14.49
C ASP B 111 25.48 -14.65 14.02
N GLY B 112 24.79 -15.38 13.14
CA GLY B 112 23.50 -14.97 12.61
C GLY B 112 23.49 -13.81 11.64
N HIS B 113 24.65 -13.45 11.09
CA HIS B 113 24.74 -12.34 10.13
C HIS B 113 24.63 -12.96 8.73
N LEU B 114 23.87 -12.32 7.83
CA LEU B 114 23.67 -12.86 6.49
C LEU B 114 24.91 -12.82 5.58
N PRO B 115 25.35 -14.00 5.10
CA PRO B 115 26.53 -14.05 4.20
C PRO B 115 26.09 -13.70 2.76
N ILE B 116 25.82 -12.42 2.57
CA ILE B 116 25.28 -11.87 1.32
C ILE B 116 26.02 -10.58 0.96
N GLU B 117 26.22 -10.34 -0.33
CA GLU B 117 26.79 -9.07 -0.76
C GLU B 117 25.79 -8.43 -1.73
N ILE B 118 25.46 -7.17 -1.47
CA ILE B 118 24.56 -6.40 -2.30
C ILE B 118 25.30 -5.17 -2.83
N LYS B 119 25.26 -4.97 -4.15
CA LYS B 119 25.89 -3.82 -4.79
C LYS B 119 24.76 -3.04 -5.43
N ALA B 120 24.80 -1.72 -5.29
CA ALA B 120 23.71 -0.90 -5.80
C ALA B 120 24.15 0.48 -6.32
N VAL B 121 23.34 1.05 -7.20
CA VAL B 121 23.55 2.40 -7.72
C VAL B 121 23.29 3.35 -6.53
N PRO B 122 24.01 4.48 -6.45
CA PRO B 122 23.80 5.37 -5.31
C PRO B 122 22.34 5.86 -5.20
N GLU B 123 21.82 5.94 -3.98
CA GLU B 123 20.43 6.38 -3.82
C GLU B 123 20.25 7.82 -4.30
N GLY B 124 19.13 8.06 -4.99
CA GLY B 124 18.86 9.38 -5.54
C GLY B 124 19.19 9.42 -7.02
N PHE B 125 20.05 8.51 -7.47
CA PHE B 125 20.40 8.42 -8.89
C PHE B 125 19.14 8.20 -9.73
N VAL B 126 19.12 8.86 -10.89
CA VAL B 126 18.02 8.77 -11.84
C VAL B 126 18.51 7.96 -13.03
N ILE B 127 17.96 6.76 -13.20
CA ILE B 127 18.45 5.80 -14.18
C ILE B 127 17.36 5.45 -15.19
N PRO B 128 17.72 5.36 -16.48
CA PRO B 128 16.70 4.97 -17.46
C PRO B 128 16.23 3.54 -17.21
N ARG B 129 15.01 3.25 -17.62
CA ARG B 129 14.42 1.92 -17.49
C ARG B 129 15.32 0.85 -18.11
N GLY B 130 15.21 -0.36 -17.59
CA GLY B 130 15.92 -1.49 -18.15
C GLY B 130 17.39 -1.61 -17.79
N ASN B 131 17.78 -0.97 -16.69
CA ASN B 131 19.16 -1.05 -16.23
C ASN B 131 19.25 -1.75 -14.87
N VAL B 132 20.38 -2.38 -14.60
CA VAL B 132 20.57 -2.99 -13.30
C VAL B 132 20.62 -1.89 -12.25
N LEU B 133 19.86 -2.04 -11.16
CA LEU B 133 19.82 -1.05 -10.07
C LEU B 133 20.55 -1.62 -8.84
N PHE B 134 20.44 -2.91 -8.63
CA PHE B 134 21.20 -3.59 -7.58
C PHE B 134 21.33 -5.08 -7.87
N THR B 135 22.39 -5.68 -7.32
CA THR B 135 22.63 -7.12 -7.48
C THR B 135 22.79 -7.72 -6.10
N VAL B 136 22.50 -9.02 -6.02
CA VAL B 136 22.57 -9.78 -4.78
C VAL B 136 23.22 -11.13 -5.05
N GLU B 137 24.08 -11.57 -4.13
CA GLU B 137 24.74 -12.87 -4.27
C GLU B 137 25.22 -13.36 -2.89
N ASN B 138 25.29 -14.68 -2.73
CA ASN B 138 25.79 -15.26 -1.48
C ASN B 138 27.33 -15.22 -1.47
N THR B 139 27.90 -15.03 -0.28
CA THR B 139 29.36 -14.98 -0.14
C THR B 139 29.94 -16.29 0.40
N ASP B 140 29.05 -17.22 0.74
CA ASP B 140 29.44 -18.54 1.24
C ASP B 140 28.69 -19.56 0.39
N PRO B 141 29.41 -20.53 -0.19
CA PRO B 141 28.80 -21.54 -1.07
C PRO B 141 27.69 -22.32 -0.40
N GLU B 142 27.76 -22.49 0.91
CA GLU B 142 26.71 -23.21 1.62
C GLU B 142 25.38 -22.42 1.58
N CYS B 143 25.48 -21.13 1.34
CA CYS B 143 24.30 -20.26 1.37
C CYS B 143 23.77 -19.82 0.01
N TYR B 144 23.92 -20.68 -0.99
CA TYR B 144 23.44 -20.42 -2.35
C TYR B 144 21.93 -20.12 -2.38
N TRP B 145 21.19 -20.70 -1.44
CA TRP B 145 19.74 -20.56 -1.36
C TRP B 145 19.29 -19.25 -0.72
N LEU B 146 20.23 -18.55 -0.09
CA LEU B 146 19.89 -17.33 0.63
C LEU B 146 19.64 -16.13 -0.29
N THR B 147 20.32 -16.12 -1.43
CA THR B 147 20.21 -14.99 -2.37
C THR B 147 18.76 -14.68 -2.66
N ASN B 148 18.03 -15.71 -3.05
CA ASN B 148 16.64 -15.52 -3.41
C ASN B 148 15.65 -15.59 -2.25
N TRP B 149 16.11 -16.06 -1.09
CA TRP B 149 15.25 -16.06 0.09
C TRP B 149 14.82 -14.61 0.36
N ILE B 150 15.77 -13.69 0.22
CA ILE B 150 15.52 -12.27 0.52
C ILE B 150 14.99 -11.46 -0.65
N GLU B 151 14.61 -12.13 -1.74
CA GLU B 151 14.00 -11.40 -2.87
C GLU B 151 12.75 -10.64 -2.42
N THR B 152 11.89 -11.29 -1.66
CA THR B 152 10.61 -10.72 -1.24
C THR B 152 10.76 -9.38 -0.54
N ILE B 153 11.64 -9.35 0.47
CA ILE B 153 11.87 -8.12 1.22
C ILE B 153 12.53 -7.05 0.34
N LEU B 154 13.49 -7.45 -0.47
CA LEU B 154 14.21 -6.48 -1.32
C LEU B 154 13.33 -5.91 -2.42
N VAL B 155 12.48 -6.74 -3.02
CA VAL B 155 11.61 -6.31 -4.11
C VAL B 155 10.64 -5.23 -3.64
N GLN B 156 10.37 -5.17 -2.34
CA GLN B 156 9.44 -4.16 -1.81
C GLN B 156 10.03 -2.75 -1.98
N SER B 157 11.29 -2.70 -2.43
CA SER B 157 11.92 -1.42 -2.74
C SER B 157 11.19 -0.79 -3.93
N TRP B 158 10.40 -1.60 -4.65
CA TRP B 158 9.63 -1.04 -5.78
C TRP B 158 8.79 0.16 -5.31
N TYR B 159 8.29 0.09 -4.08
CA TYR B 159 7.41 1.14 -3.56
C TYR B 159 8.07 2.52 -3.43
N PRO B 160 9.14 2.65 -2.63
CA PRO B 160 9.77 3.97 -2.55
C PRO B 160 10.36 4.41 -3.89
N ILE B 161 10.81 3.47 -4.71
CA ILE B 161 11.32 3.85 -6.04
C ILE B 161 10.18 4.49 -6.86
N THR B 162 9.04 3.83 -6.85
CA THR B 162 7.88 4.27 -7.64
C THR B 162 7.29 5.59 -7.13
N VAL B 163 7.16 5.73 -5.82
CA VAL B 163 6.65 6.98 -5.26
C VAL B 163 7.61 8.12 -5.64
N ALA B 164 8.91 7.91 -5.43
CA ALA B 164 9.91 8.93 -5.74
C ALA B 164 9.86 9.31 -7.22
N THR B 165 9.78 8.30 -8.07
CA THR B 165 9.73 8.52 -9.52
C THR B 165 8.46 9.27 -9.93
N ASN B 166 7.31 8.79 -9.47
CA ASN B 166 6.04 9.41 -9.85
C ASN B 166 5.96 10.86 -9.32
N SER B 167 6.52 11.08 -8.13
CA SER B 167 6.57 12.41 -7.53
C SER B 167 7.46 13.34 -8.39
N ARG B 168 8.62 12.84 -8.82
CA ARG B 168 9.54 13.63 -9.63
C ARG B 168 8.92 13.97 -11.01
N GLU B 169 8.17 13.03 -11.58
CA GLU B 169 7.52 13.27 -12.86
C GLU B 169 6.47 14.38 -12.71
N GLN B 170 5.85 14.46 -11.54
CA GLN B 170 4.88 15.54 -11.33
C GLN B 170 5.64 16.85 -11.16
N LYS B 171 6.82 16.77 -10.53
CA LYS B 171 7.65 17.97 -10.38
C LYS B 171 8.05 18.50 -11.76
N LYS B 172 8.29 17.60 -12.72
CA LYS B 172 8.70 18.03 -14.08
C LYS B 172 7.59 18.83 -14.73
N ILE B 173 6.34 18.38 -14.55
CA ILE B 173 5.18 19.09 -15.08
C ILE B 173 5.05 20.47 -14.44
N LEU B 174 5.11 20.52 -13.12
CA LEU B 174 4.98 21.79 -12.40
C LEU B 174 6.09 22.76 -12.81
N ALA B 175 7.31 22.24 -12.96
CA ALA B 175 8.45 23.09 -13.33
C ALA B 175 8.24 23.73 -14.71
N LYS B 176 7.80 22.92 -15.66
CA LYS B 176 7.58 23.39 -17.01
C LYS B 176 6.56 24.54 -17.05
N TYR B 177 5.42 24.34 -16.41
CA TYR B 177 4.35 25.31 -16.40
C TYR B 177 4.62 26.55 -15.52
N LEU B 178 5.31 26.35 -14.41
CA LEU B 178 5.67 27.47 -13.55
C LEU B 178 6.70 28.37 -14.25
N LEU B 179 7.67 27.76 -14.93
CA LEU B 179 8.68 28.51 -15.65
C LEU B 179 8.03 29.29 -16.80
N GLU B 180 7.12 28.64 -17.51
CA GLU B 180 6.43 29.29 -18.63
C GLU B 180 5.58 30.47 -18.18
N THR B 181 4.82 30.28 -17.12
CA THR B 181 3.92 31.33 -16.65
C THR B 181 4.54 32.38 -15.75
N SER B 182 5.65 32.05 -15.10
CA SER B 182 6.26 32.98 -14.15
C SER B 182 7.66 33.50 -14.50
N GLY B 183 8.39 32.74 -15.31
CA GLY B 183 9.76 33.09 -15.69
C GLY B 183 10.79 32.51 -14.73
N ASN B 184 10.34 31.80 -13.69
CA ASN B 184 11.27 31.21 -12.74
C ASN B 184 10.67 29.97 -12.07
N LEU B 185 11.41 29.38 -11.13
CA LEU B 185 10.97 28.18 -10.41
C LEU B 185 10.73 28.44 -8.91
N ASP B 186 10.59 29.69 -8.53
CA ASP B 186 10.38 30.00 -7.12
C ASP B 186 9.15 29.28 -6.55
N GLY B 187 9.34 28.58 -5.44
CA GLY B 187 8.24 27.90 -4.78
C GLY B 187 7.87 26.54 -5.36
N LEU B 188 8.67 26.05 -6.32
CA LEU B 188 8.39 24.77 -6.95
C LEU B 188 8.42 23.62 -5.95
N GLU B 189 9.40 23.65 -5.05
CA GLU B 189 9.59 22.62 -4.01
C GLU B 189 8.45 22.48 -3.00
N TYR B 190 7.47 23.37 -3.05
CA TYR B 190 6.34 23.33 -2.11
C TYR B 190 5.03 23.14 -2.87
N LYS B 191 5.13 23.03 -4.20
CA LYS B 191 3.95 22.96 -5.05
C LYS B 191 3.12 21.68 -5.07
N LEU B 192 3.69 20.59 -4.57
CA LEU B 192 2.96 19.33 -4.49
C LEU B 192 3.13 18.82 -3.05
N HIS B 193 2.06 18.90 -2.27
CA HIS B 193 2.06 18.53 -0.86
C HIS B 193 1.46 17.14 -0.65
N ASP B 194 2.09 16.37 0.24
CA ASP B 194 1.65 15.00 0.52
C ASP B 194 0.53 14.98 1.57
N PHE B 195 -0.66 14.53 1.14
N PHE B 195 -0.64 14.48 1.18
CA PHE B 195 -1.85 14.42 2.01
CA PHE B 195 -1.76 14.39 2.11
C PHE B 195 -2.23 12.94 2.21
C PHE B 195 -2.23 12.95 2.16
N GLY B 196 -1.31 12.03 1.89
CA GLY B 196 -1.63 10.61 1.88
C GLY B 196 -1.61 9.73 3.12
N TYR B 197 -1.45 10.31 4.31
CA TYR B 197 -1.37 9.49 5.53
C TYR B 197 -2.57 8.53 5.68
N ARG B 198 -3.78 9.06 5.59
CA ARG B 198 -4.96 8.25 5.80
C ARG B 198 -5.29 7.29 4.66
N GLY B 199 -4.85 7.66 3.45
CA GLY B 199 -5.16 6.93 2.23
C GLY B 199 -4.23 5.77 1.89
N VAL B 200 -3.19 5.55 2.68
CA VAL B 200 -2.29 4.43 2.48
C VAL B 200 -2.74 3.22 3.31
N SER B 201 -2.16 2.07 3.01
CA SER B 201 -2.54 0.80 3.59
C SER B 201 -2.02 0.54 5.01
N SER B 202 -1.01 1.29 5.46
CA SER B 202 -0.49 1.05 6.82
C SER B 202 0.37 2.19 7.33
N GLN B 203 0.65 2.17 8.63
CA GLN B 203 1.54 3.14 9.23
C GLN B 203 2.94 3.02 8.60
N GLU B 204 3.43 1.80 8.39
CA GLU B 204 4.77 1.66 7.84
C GLU B 204 4.82 2.24 6.42
N THR B 205 3.82 1.89 5.61
CA THR B 205 3.75 2.40 4.25
C THR B 205 3.78 3.93 4.23
N ALA B 206 3.02 4.54 5.15
CA ALA B 206 2.95 5.99 5.26
C ALA B 206 4.34 6.61 5.39
N GLY B 207 5.14 6.09 6.33
CA GLY B 207 6.49 6.62 6.54
C GLY B 207 7.36 6.48 5.30
N ILE B 208 7.39 5.28 4.74
CA ILE B 208 8.20 5.02 3.52
C ILE B 208 7.78 5.93 2.36
N GLY B 209 6.47 5.95 2.08
CA GLY B 209 5.90 6.72 1.00
C GLY B 209 6.17 8.21 1.13
N ALA B 210 5.88 8.75 2.31
CA ALA B 210 6.09 10.17 2.56
C ALA B 210 7.57 10.53 2.36
N SER B 211 8.47 9.65 2.81
CA SER B 211 9.91 9.92 2.67
C SER B 211 10.32 9.97 1.21
N ALA B 212 9.72 9.10 0.39
CA ALA B 212 10.04 9.05 -1.04
C ALA B 212 9.57 10.34 -1.73
N HIS B 213 8.43 10.85 -1.30
CA HIS B 213 7.95 12.11 -1.89
C HIS B 213 8.88 13.26 -1.51
N LEU B 214 9.42 13.21 -0.29
CA LEU B 214 10.32 14.26 0.20
C LEU B 214 11.66 14.32 -0.51
N VAL B 215 11.93 13.31 -1.32
CA VAL B 215 13.15 13.34 -2.13
C VAL B 215 13.04 14.51 -3.13
N ASN B 216 11.81 14.83 -3.53
CA ASN B 216 11.56 15.85 -4.56
C ASN B 216 10.94 17.16 -4.03
N PHE B 217 10.14 17.08 -2.97
CA PHE B 217 9.45 18.25 -2.44
C PHE B 217 9.69 18.43 -0.95
N LYS B 218 9.18 19.51 -0.38
CA LYS B 218 9.42 19.82 1.03
C LYS B 218 8.15 19.82 1.89
N GLY B 219 6.99 19.66 1.26
CA GLY B 219 5.73 19.71 2.00
C GLY B 219 5.07 18.36 2.21
N THR B 220 4.69 18.07 3.45
CA THR B 220 4.00 16.82 3.81
C THR B 220 3.20 16.97 5.10
N ASP B 221 2.06 16.29 5.16
CA ASP B 221 1.30 16.23 6.40
C ASP B 221 1.43 14.81 6.95
N THR B 222 2.19 13.99 6.23
CA THR B 222 2.41 12.61 6.66
C THR B 222 3.61 12.58 7.60
N VAL B 223 3.33 12.93 8.85
CA VAL B 223 4.35 13.05 9.89
C VAL B 223 5.30 11.84 9.99
N ALA B 224 4.77 10.65 9.75
CA ALA B 224 5.59 9.42 9.83
C ALA B 224 6.86 9.49 8.99
N GLY B 225 6.83 10.25 7.91
CA GLY B 225 8.00 10.37 7.04
C GLY B 225 9.22 11.04 7.68
N LEU B 226 8.97 11.99 8.57
CA LEU B 226 10.06 12.72 9.22
C LEU B 226 10.96 11.79 10.05
N ALA B 227 10.36 10.98 10.90
CA ALA B 227 11.12 10.07 11.77
C ALA B 227 11.91 9.05 10.97
N LEU B 228 11.33 8.57 9.88
CA LEU B 228 12.01 7.57 9.06
C LEU B 228 13.31 8.15 8.47
N ILE B 229 13.20 9.34 7.89
CA ILE B 229 14.34 10.01 7.27
C ILE B 229 15.43 10.26 8.31
N LYS B 230 15.00 10.74 9.47
CA LYS B 230 15.93 11.08 10.55
C LYS B 230 16.70 9.85 11.06
N LYS B 231 16.01 8.72 11.15
CA LYS B 231 16.62 7.51 11.66
C LYS B 231 17.48 6.74 10.66
N TYR B 232 17.05 6.68 9.41
CA TYR B 232 17.73 5.87 8.40
C TYR B 232 18.57 6.63 7.37
N TYR B 233 18.32 7.92 7.20
CA TYR B 233 19.05 8.69 6.18
C TYR B 233 19.79 9.89 6.73
N GLY B 234 19.05 10.78 7.38
CA GLY B 234 19.60 11.98 8.00
C GLY B 234 19.66 13.21 7.13
N THR B 235 19.37 14.37 7.74
CA THR B 235 19.47 15.66 7.06
C THR B 235 20.23 16.65 7.93
N LYS B 236 20.83 17.63 7.28
CA LYS B 236 21.53 18.71 7.98
C LYS B 236 20.47 19.54 8.72
N ASP B 237 19.31 19.76 8.09
CA ASP B 237 18.23 20.52 8.73
C ASP B 237 17.53 19.70 9.80
N PRO B 238 16.91 20.37 10.78
CA PRO B 238 16.20 19.61 11.83
C PRO B 238 15.16 18.67 11.25
N VAL B 239 14.37 19.16 10.29
CA VAL B 239 13.36 18.30 9.63
C VAL B 239 13.45 18.41 8.12
N PRO B 240 13.06 17.34 7.41
CA PRO B 240 13.12 17.35 5.94
C PRO B 240 11.82 17.85 5.29
N GLY B 241 10.76 17.96 6.08
CA GLY B 241 9.46 18.37 5.58
C GLY B 241 8.70 19.32 6.48
N TYR B 242 7.81 20.09 5.86
CA TYR B 242 7.09 21.15 6.55
C TYR B 242 5.60 21.19 6.24
N SER B 243 4.84 21.79 7.17
CA SER B 243 3.41 22.01 6.96
C SER B 243 2.98 23.37 7.50
N VAL B 244 1.71 23.72 7.27
CA VAL B 244 1.10 24.95 7.77
C VAL B 244 -0.25 24.61 8.41
N PRO B 245 -0.71 25.47 9.33
CA PRO B 245 -2.04 25.21 9.93
C PRO B 245 -3.09 25.20 8.83
N ALA B 246 -4.09 24.34 8.99
CA ALA B 246 -5.15 24.21 8.01
C ALA B 246 -6.39 23.63 8.67
N ALA B 247 -7.55 23.96 8.11
CA ALA B 247 -8.82 23.48 8.62
C ALA B 247 -9.19 22.18 7.92
N GLU B 248 -10.15 21.46 8.50
CA GLU B 248 -10.71 20.25 7.90
C GLU B 248 -12.22 20.48 7.99
N HIS B 249 -13.00 19.64 7.33
CA HIS B 249 -14.45 19.83 7.38
C HIS B 249 -14.99 19.85 8.80
N SER B 250 -14.48 19.00 9.68
CA SER B 250 -14.94 18.98 11.07
C SER B 250 -14.80 20.34 11.77
N THR B 251 -13.69 21.04 11.55
CA THR B 251 -13.48 22.35 12.20
C THR B 251 -14.31 23.49 11.65
N ILE B 252 -14.85 23.32 10.44
CA ILE B 252 -15.72 24.33 9.83
C ILE B 252 -17.17 23.98 10.19
N THR B 253 -17.57 22.75 9.86
CA THR B 253 -18.93 22.30 10.10
C THR B 253 -19.37 22.30 11.55
N ALA B 254 -18.45 22.08 12.48
CA ALA B 254 -18.78 22.07 13.91
C ALA B 254 -19.46 23.36 14.39
N TRP B 255 -19.26 24.46 13.66
CA TRP B 255 -19.84 25.75 14.03
C TRP B 255 -21.32 25.82 13.63
N GLY B 256 -21.76 24.88 12.80
CA GLY B 256 -23.12 24.88 12.30
C GLY B 256 -23.16 25.53 10.93
N LYS B 257 -24.05 25.05 10.08
CA LYS B 257 -24.18 25.54 8.72
C LYS B 257 -24.30 27.07 8.58
N ASP B 258 -25.15 27.69 9.38
CA ASP B 258 -25.34 29.15 9.29
C ASP B 258 -24.17 29.96 9.81
N HIS B 259 -23.19 29.30 10.40
CA HIS B 259 -22.05 30.02 10.96
C HIS B 259 -20.72 29.73 10.27
N GLU B 260 -20.76 29.38 9.00
CA GLU B 260 -19.52 29.13 8.26
C GLU B 260 -18.60 30.37 8.33
N LYS B 261 -19.18 31.56 8.21
CA LYS B 261 -18.39 32.80 8.29
C LYS B 261 -17.67 32.95 9.64
N ASP B 262 -18.37 32.66 10.74
CA ASP B 262 -17.78 32.72 12.08
C ASP B 262 -16.59 31.77 12.18
N ALA B 263 -16.73 30.59 11.58
CA ALA B 263 -15.65 29.60 11.60
C ALA B 263 -14.43 30.16 10.86
N PHE B 264 -14.65 30.70 9.66
CA PHE B 264 -13.57 31.26 8.84
C PHE B 264 -12.88 32.40 9.62
N GLU B 265 -13.69 33.31 10.17
CA GLU B 265 -13.14 34.44 10.90
C GLU B 265 -12.26 34.00 12.07
N HIS B 266 -12.76 33.06 12.87
CA HIS B 266 -12.04 32.56 14.03
C HIS B 266 -10.72 31.96 13.61
N ILE B 267 -10.76 31.13 12.58
CA ILE B 267 -9.57 30.44 12.11
C ILE B 267 -8.47 31.35 11.58
N VAL B 268 -8.82 32.30 10.71
CA VAL B 268 -7.80 33.19 10.16
C VAL B 268 -7.27 34.11 11.25
N THR B 269 -8.09 34.36 12.27
CA THR B 269 -7.67 35.22 13.38
C THR B 269 -6.74 34.46 14.32
N GLN B 270 -7.03 33.18 14.55
CA GLN B 270 -6.16 32.36 15.36
C GLN B 270 -4.79 32.23 14.70
N PHE B 271 -4.75 32.20 13.38
CA PHE B 271 -3.48 32.06 12.66
C PHE B 271 -3.25 33.29 11.79
N SER B 272 -3.20 34.45 12.45
CA SER B 272 -3.08 35.73 11.73
C SER B 272 -1.70 36.02 11.16
N SER B 273 -0.67 35.39 11.71
CA SER B 273 0.70 35.70 11.30
C SER B 273 1.48 34.59 10.62
N VAL B 274 0.79 33.49 10.30
CA VAL B 274 1.40 32.39 9.57
C VAL B 274 0.48 32.03 8.40
N PRO B 275 1.01 31.35 7.38
CA PRO B 275 0.10 30.96 6.29
C PRO B 275 -0.97 30.03 6.88
N VAL B 276 -2.17 30.07 6.32
CA VAL B 276 -3.25 29.22 6.80
C VAL B 276 -4.11 28.74 5.65
N SER B 277 -4.33 27.43 5.61
CA SER B 277 -5.17 26.83 4.57
C SER B 277 -6.58 26.63 5.14
N VAL B 278 -7.59 27.12 4.42
CA VAL B 278 -8.96 27.01 4.88
C VAL B 278 -9.89 26.34 3.86
N VAL B 279 -10.31 25.12 4.19
CA VAL B 279 -11.22 24.38 3.32
C VAL B 279 -12.53 25.16 3.22
N SER B 280 -12.93 25.46 1.99
CA SER B 280 -14.05 26.36 1.77
C SER B 280 -15.24 25.81 1.01
N ASP B 281 -15.28 24.50 0.83
CA ASP B 281 -16.36 23.88 0.06
C ASP B 281 -17.37 23.10 0.88
N SER B 282 -17.40 23.29 2.20
CA SER B 282 -18.33 22.57 3.06
C SER B 282 -19.77 22.57 2.56
N TYR B 283 -20.23 23.73 2.09
CA TYR B 283 -21.62 23.88 1.61
C TYR B 283 -21.70 24.43 0.18
N ASP B 284 -20.93 25.49 -0.09
CA ASP B 284 -20.93 26.10 -1.42
C ASP B 284 -19.62 26.86 -1.59
N ILE B 285 -18.66 26.23 -2.27
CA ILE B 285 -17.34 26.81 -2.49
C ILE B 285 -17.40 28.18 -3.17
N TYR B 286 -18.29 28.31 -4.13
CA TYR B 286 -18.43 29.56 -4.90
C TYR B 286 -18.97 30.72 -4.06
N ASN B 287 -19.97 30.43 -3.24
CA ASN B 287 -20.51 31.42 -2.32
C ASN B 287 -19.42 31.80 -1.32
N ALA B 288 -18.68 30.80 -0.81
CA ALA B 288 -17.62 31.08 0.17
C ALA B 288 -16.57 32.06 -0.38
N CYS B 289 -16.12 31.81 -1.61
CA CYS B 289 -15.12 32.68 -2.22
C CYS B 289 -15.64 34.07 -2.56
N GLU B 290 -16.82 34.13 -3.16
CA GLU B 290 -17.38 35.40 -3.58
C GLU B 290 -17.95 36.25 -2.45
N LYS B 291 -18.77 35.65 -1.60
CA LYS B 291 -19.44 36.38 -0.54
C LYS B 291 -18.76 36.41 0.82
N ILE B 292 -18.24 35.27 1.26
CA ILE B 292 -17.62 35.21 2.57
C ILE B 292 -16.24 35.79 2.56
N TRP B 293 -15.33 35.15 1.82
CA TRP B 293 -13.98 35.68 1.71
C TRP B 293 -13.98 37.00 0.93
N GLY B 294 -14.72 37.03 -0.17
CA GLY B 294 -14.76 38.14 -1.10
C GLY B 294 -15.40 39.44 -0.63
N GLU B 295 -16.26 39.35 0.38
CA GLU B 295 -16.98 40.52 0.90
C GLU B 295 -17.01 40.58 2.43
N ASP B 296 -17.73 39.66 3.07
CA ASP B 296 -17.85 39.65 4.53
C ASP B 296 -16.54 39.74 5.28
N LEU B 297 -15.58 38.89 4.91
CA LEU B 297 -14.30 38.82 5.62
C LEU B 297 -13.12 39.39 4.83
N ARG B 298 -13.40 40.05 3.71
CA ARG B 298 -12.35 40.63 2.87
C ARG B 298 -11.35 41.51 3.63
N HIS B 299 -11.84 42.23 4.62
CA HIS B 299 -10.99 43.10 5.43
C HIS B 299 -9.93 42.34 6.25
N LEU B 300 -10.20 41.08 6.55
CA LEU B 300 -9.26 40.25 7.31
C LEU B 300 -8.23 39.57 6.41
N ILE B 301 -8.47 39.62 5.11
CA ILE B 301 -7.59 38.99 4.12
C ILE B 301 -6.59 39.99 3.53
N VAL B 302 -7.09 41.12 3.07
CA VAL B 302 -6.21 42.14 2.46
C VAL B 302 -5.19 42.75 3.42
N SER B 303 -5.36 42.49 4.72
CA SER B 303 -4.46 43.04 5.73
C SER B 303 -3.34 42.06 6.06
N ARG B 304 -3.41 40.84 5.50
CA ARG B 304 -2.42 39.81 5.80
C ARG B 304 -1.03 40.03 5.16
N SER B 305 0.00 39.55 5.85
CA SER B 305 1.37 39.66 5.38
C SER B 305 1.64 38.69 4.20
N THR B 306 2.62 39.06 3.39
CA THR B 306 3.05 38.26 2.25
C THR B 306 3.62 36.92 2.74
N GLN B 307 4.09 36.90 3.99
CA GLN B 307 4.64 35.67 4.58
C GLN B 307 3.52 34.83 5.24
N ALA B 308 2.29 35.33 5.22
CA ALA B 308 1.18 34.63 5.90
C ALA B 308 -0.11 34.76 5.10
N PRO B 309 -0.09 34.32 3.84
CA PRO B 309 -1.33 34.42 3.05
C PRO B 309 -2.43 33.49 3.54
N LEU B 310 -3.66 33.79 3.11
CA LEU B 310 -4.79 32.90 3.31
C LEU B 310 -4.69 31.97 2.09
N ILE B 311 -4.81 30.66 2.32
CA ILE B 311 -4.77 29.69 1.22
C ILE B 311 -6.15 29.03 1.12
N ILE B 312 -6.94 29.48 0.17
CA ILE B 312 -8.29 28.96 -0.02
C ILE B 312 -8.21 27.54 -0.59
N ARG B 313 -8.97 26.63 0.02
CA ARG B 313 -8.96 25.24 -0.42
C ARG B 313 -10.29 24.66 -0.88
N PRO B 314 -10.44 24.47 -2.20
CA PRO B 314 -11.63 23.79 -2.71
C PRO B 314 -11.33 22.31 -2.48
N ASP B 315 -12.35 21.47 -2.41
CA ASP B 315 -12.11 20.04 -2.16
C ASP B 315 -13.14 19.13 -2.80
N SER B 316 -13.78 19.59 -3.86
CA SER B 316 -14.83 18.80 -4.51
C SER B 316 -15.17 19.38 -5.88
N GLY B 317 -15.86 18.59 -6.71
CA GLY B 317 -16.23 18.99 -8.05
C GLY B 317 -15.13 18.63 -9.03
N ASN B 318 -15.32 18.95 -10.30
CA ASN B 318 -14.30 18.69 -11.30
C ASN B 318 -13.08 19.54 -10.92
N PRO B 319 -11.91 18.91 -10.74
CA PRO B 319 -10.72 19.65 -10.29
C PRO B 319 -10.35 20.86 -11.13
N LEU B 320 -10.31 20.72 -12.45
CA LEU B 320 -9.97 21.87 -13.29
C LEU B 320 -11.07 22.94 -13.30
N ASP B 321 -12.32 22.51 -13.51
CA ASP B 321 -13.41 23.49 -13.57
C ASP B 321 -13.50 24.30 -12.28
N THR B 322 -13.37 23.61 -11.16
CA THR B 322 -13.45 24.25 -9.85
C THR B 322 -12.33 25.26 -9.66
N VAL B 323 -11.09 24.85 -9.96
CA VAL B 323 -9.96 25.75 -9.86
C VAL B 323 -10.17 27.02 -10.70
N LEU B 324 -10.57 26.84 -11.96
CA LEU B 324 -10.77 27.99 -12.85
C LEU B 324 -11.86 28.93 -12.34
N LYS B 325 -12.95 28.35 -11.86
CA LYS B 325 -14.07 29.16 -11.37
C LYS B 325 -13.69 29.91 -10.09
N VAL B 326 -12.98 29.22 -9.20
CA VAL B 326 -12.52 29.86 -7.97
C VAL B 326 -11.60 31.04 -8.31
N LEU B 327 -10.67 30.84 -9.23
CA LEU B 327 -9.74 31.91 -9.61
C LEU B 327 -10.49 33.10 -10.25
N GLU B 328 -11.48 32.80 -11.10
CA GLU B 328 -12.27 33.85 -11.75
C GLU B 328 -13.02 34.65 -10.68
N ILE B 329 -13.59 33.96 -9.71
CA ILE B 329 -14.31 34.63 -8.63
C ILE B 329 -13.35 35.55 -7.87
N LEU B 330 -12.23 34.98 -7.42
CA LEU B 330 -11.26 35.74 -6.65
C LEU B 330 -10.69 36.93 -7.41
N GLY B 331 -10.48 36.75 -8.70
CA GLY B 331 -9.92 37.79 -9.54
C GLY B 331 -10.84 38.99 -9.66
N LYS B 332 -12.13 38.78 -9.39
CA LYS B 332 -13.10 39.86 -9.48
C LYS B 332 -13.31 40.54 -8.12
N LYS B 333 -12.88 39.88 -7.05
CA LYS B 333 -13.04 40.43 -5.70
C LYS B 333 -11.76 40.99 -5.11
N PHE B 334 -10.62 40.59 -5.67
CA PHE B 334 -9.32 41.06 -5.18
C PHE B 334 -8.50 41.64 -6.32
N PRO B 335 -7.55 42.53 -6.01
CA PRO B 335 -6.72 43.19 -7.02
C PRO B 335 -5.69 42.28 -7.69
N VAL B 336 -5.96 41.82 -8.90
CA VAL B 336 -4.97 40.99 -9.57
C VAL B 336 -4.03 41.79 -10.45
N THR B 337 -2.79 41.33 -10.54
CA THR B 337 -1.80 41.98 -11.38
C THR B 337 -1.48 41.05 -12.54
N GLU B 338 -0.70 41.56 -13.49
CA GLU B 338 -0.27 40.77 -14.62
C GLU B 338 1.24 40.75 -14.54
N ASN B 339 1.80 39.56 -14.39
CA ASN B 339 3.24 39.44 -14.24
C ASN B 339 3.99 39.72 -15.54
N SER B 340 5.32 39.67 -15.47
CA SER B 340 6.15 39.98 -16.63
C SER B 340 5.95 39.04 -17.82
N LYS B 341 5.34 37.88 -17.59
CA LYS B 341 5.07 36.93 -18.67
C LYS B 341 3.69 37.12 -19.27
N GLY B 342 2.88 37.99 -18.66
CA GLY B 342 1.53 38.28 -19.15
C GLY B 342 0.47 37.47 -18.43
N TYR B 343 0.89 36.74 -17.38
CA TYR B 343 -0.05 35.91 -16.64
C TYR B 343 -0.60 36.59 -15.39
N LYS B 344 -1.86 36.31 -15.10
CA LYS B 344 -2.53 36.90 -13.95
C LYS B 344 -2.03 36.33 -12.64
N LEU B 345 -1.90 37.22 -11.66
CA LEU B 345 -1.38 36.89 -10.34
C LEU B 345 -2.23 37.51 -9.24
N LEU B 346 -2.70 36.66 -8.31
CA LEU B 346 -3.49 37.12 -7.18
C LEU B 346 -2.58 37.95 -6.27
N PRO B 347 -3.16 38.83 -5.44
CA PRO B 347 -2.27 39.56 -4.51
C PRO B 347 -1.57 38.57 -3.57
N PRO B 348 -0.40 38.95 -3.02
CA PRO B 348 0.46 38.07 -2.22
C PRO B 348 -0.14 37.47 -0.94
N TYR B 349 -1.17 38.09 -0.38
CA TYR B 349 -1.80 37.56 0.82
C TYR B 349 -2.86 36.50 0.49
N LEU B 350 -2.98 36.14 -0.78
CA LEU B 350 -4.02 35.19 -1.20
C LEU B 350 -3.57 34.14 -2.22
N ARG B 351 -3.74 32.87 -1.87
CA ARG B 351 -3.37 31.76 -2.75
C ARG B 351 -4.45 30.67 -2.70
N VAL B 352 -4.27 29.64 -3.52
CA VAL B 352 -5.22 28.54 -3.60
C VAL B 352 -4.46 27.22 -3.57
N ILE B 353 -5.08 26.20 -2.96
CA ILE B 353 -4.54 24.84 -2.99
C ILE B 353 -5.64 23.89 -3.43
N GLN B 354 -5.38 23.16 -4.50
CA GLN B 354 -6.33 22.17 -5.00
C GLN B 354 -5.86 20.83 -4.42
N GLY B 355 -6.59 20.32 -3.42
CA GLY B 355 -6.21 19.11 -2.72
C GLY B 355 -7.08 17.91 -2.94
N ASP B 356 -7.93 17.98 -3.96
CA ASP B 356 -8.83 16.87 -4.30
C ASP B 356 -8.65 16.45 -5.76
N GLY B 357 -8.73 15.15 -6.00
CA GLY B 357 -8.65 14.57 -7.32
C GLY B 357 -7.35 14.78 -8.08
N VAL B 358 -6.27 15.03 -7.36
CA VAL B 358 -4.98 15.28 -7.99
C VAL B 358 -4.12 14.02 -8.13
N ASP B 359 -3.75 13.70 -9.36
CA ASP B 359 -2.80 12.62 -9.63
C ASP B 359 -1.97 13.06 -10.82
N ILE B 360 -1.01 12.27 -11.24
CA ILE B 360 -0.15 12.73 -12.33
C ILE B 360 -0.92 13.21 -13.58
N ASN B 361 -2.03 12.54 -13.89
CA ASN B 361 -2.83 12.92 -15.04
C ASN B 361 -3.59 14.23 -14.87
N THR B 362 -4.36 14.33 -13.80
CA THR B 362 -5.14 15.54 -13.57
C THR B 362 -4.28 16.77 -13.33
N LEU B 363 -3.11 16.59 -12.70
CA LEU B 363 -2.21 17.72 -12.44
C LEU B 363 -1.90 18.45 -13.75
N GLN B 364 -1.55 17.66 -14.74
CA GLN B 364 -1.23 18.16 -16.07
C GLN B 364 -2.41 18.90 -16.68
N GLU B 365 -3.60 18.34 -16.56
CA GLU B 365 -4.81 18.97 -17.11
C GLU B 365 -5.07 20.30 -16.43
N ILE B 366 -4.82 20.36 -15.12
CA ILE B 366 -5.07 21.57 -14.36
C ILE B 366 -4.10 22.68 -14.75
N VAL B 367 -2.80 22.40 -14.71
CA VAL B 367 -1.85 23.47 -15.07
C VAL B 367 -2.01 23.94 -16.51
N GLU B 368 -2.31 23.01 -17.42
CA GLU B 368 -2.49 23.40 -18.81
C GLU B 368 -3.77 24.25 -18.97
N GLY B 369 -4.81 23.90 -18.22
CA GLY B 369 -6.07 24.65 -18.24
C GLY B 369 -5.89 26.04 -17.67
N MET B 370 -5.09 26.13 -16.61
CA MET B 370 -4.78 27.42 -16.00
C MET B 370 -4.00 28.28 -16.99
N LYS B 371 -3.00 27.69 -17.64
CA LYS B 371 -2.20 28.44 -18.60
C LYS B 371 -3.07 28.97 -19.74
N GLN B 372 -4.01 28.16 -20.20
CA GLN B 372 -4.88 28.58 -21.30
C GLN B 372 -5.73 29.78 -20.91
N LYS B 373 -6.12 29.84 -19.63
CA LYS B 373 -6.94 30.94 -19.15
C LYS B 373 -6.08 32.07 -18.59
N MET B 374 -4.78 32.02 -18.88
CA MET B 374 -3.84 33.06 -18.45
C MET B 374 -3.60 33.24 -16.95
N TRP B 375 -3.71 32.17 -16.18
CA TRP B 375 -3.46 32.22 -14.73
C TRP B 375 -2.07 31.65 -14.45
N SER B 376 -1.27 32.39 -13.69
CA SER B 376 0.08 31.93 -13.37
C SER B 376 0.02 30.74 -12.43
N ILE B 377 0.97 29.81 -12.59
CA ILE B 377 1.03 28.64 -11.69
C ILE B 377 1.48 29.11 -10.29
N GLU B 378 1.97 30.35 -10.21
CA GLU B 378 2.37 30.90 -8.91
C GLU B 378 1.19 30.98 -7.94
N ASN B 379 -0.02 31.01 -8.47
CA ASN B 379 -1.22 31.16 -7.65
C ASN B 379 -1.63 29.92 -6.87
N ILE B 380 -1.11 28.78 -7.28
CA ILE B 380 -1.59 27.52 -6.78
C ILE B 380 -0.56 26.51 -6.30
N ALA B 381 -0.99 25.68 -5.35
CA ALA B 381 -0.22 24.52 -4.90
C ALA B 381 -1.21 23.37 -5.03
N PHE B 382 -0.69 22.15 -5.05
CA PHE B 382 -1.54 20.98 -5.18
C PHE B 382 -1.28 20.04 -4.01
N GLY B 383 -2.34 19.36 -3.56
CA GLY B 383 -2.26 18.37 -2.50
C GLY B 383 -2.72 17.06 -3.10
N SER B 384 -1.98 15.98 -2.84
CA SER B 384 -2.35 14.67 -3.37
C SER B 384 -2.09 13.65 -2.26
N GLY B 385 -3.06 12.78 -2.00
CA GLY B 385 -2.94 11.78 -0.95
C GLY B 385 -2.85 10.36 -1.52
N GLY B 386 -4.00 9.72 -1.69
CA GLY B 386 -4.04 8.38 -2.27
C GLY B 386 -3.38 8.34 -3.64
N GLY B 387 -3.56 9.39 -4.43
CA GLY B 387 -2.99 9.44 -5.77
C GLY B 387 -1.47 9.45 -5.77
N LEU B 388 -0.90 10.03 -4.72
CA LEU B 388 0.54 10.18 -4.58
C LEU B 388 1.22 8.95 -3.94
N LEU B 389 0.58 8.41 -2.90
CA LEU B 389 1.17 7.33 -2.12
C LEU B 389 0.53 5.94 -2.21
N GLN B 390 -0.71 5.86 -2.65
CA GLN B 390 -1.39 4.55 -2.69
C GLN B 390 -1.71 3.99 -4.07
N LYS B 391 -2.12 4.85 -4.99
CA LYS B 391 -2.54 4.40 -6.33
C LYS B 391 -1.31 4.12 -7.22
N LEU B 392 -0.49 3.16 -6.81
CA LEU B 392 0.72 2.79 -7.54
C LEU B 392 0.91 1.31 -7.33
N THR B 393 1.49 0.63 -8.31
CA THR B 393 1.75 -0.80 -8.17
C THR B 393 3.15 -1.11 -8.71
N ARG B 394 3.58 -2.33 -8.45
CA ARG B 394 4.89 -2.81 -8.86
C ARG B 394 5.01 -2.90 -10.38
N ASP B 395 3.89 -3.02 -11.08
CA ASP B 395 3.93 -3.09 -12.54
C ASP B 395 4.03 -1.76 -13.29
N LEU B 396 3.89 -0.63 -12.58
CA LEU B 396 4.01 0.68 -13.22
C LEU B 396 5.41 0.83 -13.84
N LEU B 397 6.45 0.47 -13.09
CA LEU B 397 7.82 0.52 -13.61
C LEU B 397 8.39 -0.88 -13.90
N ASN B 398 7.52 -1.88 -13.85
CA ASN B 398 7.90 -3.27 -14.09
C ASN B 398 9.10 -3.69 -13.24
N CYS B 399 9.03 -3.41 -11.94
CA CYS B 399 10.09 -3.75 -11.00
C CYS B 399 10.14 -5.28 -10.87
N SER B 400 11.32 -5.84 -11.12
CA SER B 400 11.49 -7.29 -11.16
C SER B 400 12.89 -7.69 -10.66
N PHE B 401 12.94 -8.83 -9.98
CA PHE B 401 14.16 -9.39 -9.39
C PHE B 401 14.32 -10.77 -10.01
N LYS B 402 15.48 -11.03 -10.61
CA LYS B 402 15.70 -12.29 -11.29
C LYS B 402 17.13 -12.80 -11.14
N CYS B 403 17.28 -14.12 -11.17
CA CYS B 403 18.59 -14.75 -11.13
C CYS B 403 19.16 -14.68 -12.54
N SER B 404 20.40 -14.20 -12.68
CA SER B 404 21.05 -14.09 -14.00
C SER B 404 22.36 -14.88 -14.08
N TYR B 405 22.82 -15.44 -12.96
CA TYR B 405 24.09 -16.16 -12.95
C TYR B 405 24.16 -17.15 -11.79
N VAL B 406 24.70 -18.33 -12.07
CA VAL B 406 24.91 -19.35 -11.05
C VAL B 406 26.24 -20.06 -11.30
N VAL B 407 26.79 -20.63 -10.25
CA VAL B 407 28.00 -21.44 -10.35
C VAL B 407 27.61 -22.83 -9.88
N THR B 408 27.75 -23.81 -10.78
CA THR B 408 27.38 -25.18 -10.49
C THR B 408 28.56 -26.07 -10.91
N ASN B 409 29.02 -26.93 -9.99
CA ASN B 409 30.18 -27.77 -10.26
C ASN B 409 31.40 -26.93 -10.63
N GLY B 410 31.53 -25.78 -10.00
CA GLY B 410 32.65 -24.87 -10.23
C GLY B 410 32.62 -24.07 -11.51
N LEU B 411 31.59 -24.25 -12.34
CA LEU B 411 31.49 -23.54 -13.60
C LEU B 411 30.35 -22.50 -13.57
N GLY B 412 30.66 -21.27 -13.96
CA GLY B 412 29.63 -20.23 -14.00
C GLY B 412 28.80 -20.36 -15.26
N ILE B 413 27.50 -20.14 -15.14
CA ILE B 413 26.62 -20.19 -16.30
C ILE B 413 25.66 -19.00 -16.27
N ASN B 414 25.40 -18.46 -17.45
CA ASN B 414 24.51 -17.31 -17.58
C ASN B 414 23.10 -17.85 -17.63
N VAL B 415 22.26 -17.34 -16.74
CA VAL B 415 20.90 -17.83 -16.56
C VAL B 415 19.87 -16.73 -16.89
N PHE B 416 18.71 -17.14 -17.38
CA PHE B 416 17.68 -16.14 -17.74
C PHE B 416 16.37 -16.82 -18.07
N LYS B 417 15.30 -16.02 -18.12
CA LYS B 417 14.00 -16.50 -18.56
C LYS B 417 13.69 -15.78 -19.87
N ASP B 418 12.85 -16.39 -20.70
CA ASP B 418 12.49 -15.77 -21.99
C ASP B 418 11.18 -16.38 -22.49
N PRO B 419 10.06 -16.03 -21.82
CA PRO B 419 8.78 -16.68 -22.16
C PRO B 419 8.36 -16.41 -23.60
N VAL B 420 7.95 -17.47 -24.28
CA VAL B 420 7.54 -17.37 -25.68
C VAL B 420 6.47 -16.32 -25.97
N ALA B 421 5.45 -16.27 -25.12
CA ALA B 421 4.35 -15.35 -25.36
C ALA B 421 4.57 -13.90 -24.94
N ASP B 422 5.65 -13.63 -24.21
CA ASP B 422 5.90 -12.28 -23.74
C ASP B 422 7.38 -11.93 -23.66
N PRO B 423 7.95 -11.46 -24.78
CA PRO B 423 9.34 -11.01 -24.95
C PRO B 423 9.71 -9.91 -23.93
N ASN B 424 8.70 -9.24 -23.40
CA ASN B 424 8.91 -8.18 -22.42
C ASN B 424 9.39 -8.76 -21.09
N LYS B 425 9.10 -10.04 -20.86
CA LYS B 425 9.47 -10.70 -19.62
C LYS B 425 10.85 -11.35 -19.69
N ARG B 426 11.57 -11.13 -20.79
CA ARG B 426 12.91 -11.66 -20.92
C ARG B 426 13.85 -10.99 -19.90
N SER B 427 14.66 -11.80 -19.22
CA SER B 427 15.60 -11.26 -18.22
C SER B 427 17.05 -11.21 -18.73
N LYS B 428 17.92 -10.50 -18.00
CA LYS B 428 19.31 -10.31 -18.41
C LYS B 428 20.19 -11.54 -18.11
N LYS B 429 21.30 -11.68 -18.84
CA LYS B 429 22.18 -12.85 -18.68
C LYS B 429 23.50 -12.54 -18.01
N GLY B 430 23.90 -13.44 -17.11
CA GLY B 430 25.19 -13.41 -16.44
C GLY B 430 25.48 -12.29 -15.49
N ARG B 431 26.77 -12.09 -15.22
CA ARG B 431 27.22 -11.06 -14.30
C ARG B 431 27.04 -9.67 -14.94
N LEU B 432 26.42 -8.77 -14.18
CA LEU B 432 26.06 -7.44 -14.66
C LEU B 432 26.85 -6.31 -14.05
N SER B 433 26.86 -5.18 -14.75
CA SER B 433 27.50 -3.97 -14.23
C SER B 433 26.85 -2.78 -14.95
N LEU B 434 26.83 -1.64 -14.30
CA LEU B 434 26.21 -0.41 -14.82
C LEU B 434 27.31 0.60 -15.16
N HIS B 435 27.22 1.16 -16.37
CA HIS B 435 28.25 2.09 -16.84
C HIS B 435 27.71 3.33 -17.53
N ARG B 436 28.56 4.33 -17.69
CA ARG B 436 28.23 5.53 -18.44
C ARG B 436 28.65 5.19 -19.85
N THR B 437 27.90 5.69 -20.84
CA THR B 437 28.28 5.47 -22.24
C THR B 437 29.11 6.69 -22.66
N PRO B 438 29.82 6.61 -23.80
CA PRO B 438 30.60 7.78 -24.22
C PRO B 438 29.75 9.05 -24.32
N ALA B 439 28.47 8.90 -24.64
CA ALA B 439 27.57 10.05 -24.74
C ALA B 439 27.03 10.52 -23.39
N GLY B 440 27.43 9.85 -22.32
CA GLY B 440 27.00 10.24 -20.99
C GLY B 440 25.70 9.62 -20.55
N ASN B 441 25.24 8.61 -21.29
CA ASN B 441 24.01 7.92 -20.92
C ASN B 441 24.39 6.70 -20.10
N PHE B 442 23.43 5.81 -19.89
CA PHE B 442 23.67 4.60 -19.10
C PHE B 442 23.56 3.33 -19.94
N VAL B 443 24.32 2.32 -19.54
CA VAL B 443 24.26 1.01 -20.19
C VAL B 443 24.53 -0.08 -19.16
N THR B 444 23.80 -1.17 -19.28
CA THR B 444 24.00 -2.33 -18.42
C THR B 444 24.73 -3.39 -19.23
N LEU B 445 25.94 -3.74 -18.80
CA LEU B 445 26.70 -4.76 -19.50
C LEU B 445 26.38 -6.15 -18.91
N GLU B 446 26.11 -7.09 -19.80
CA GLU B 446 25.76 -8.46 -19.39
C GLU B 446 26.93 -9.42 -19.59
N GLU B 447 26.74 -10.66 -19.15
CA GLU B 447 27.73 -11.72 -19.33
C GLU B 447 29.12 -11.40 -18.83
N GLY B 448 29.23 -10.61 -17.76
CA GLY B 448 30.49 -10.20 -17.19
C GLY B 448 31.35 -9.31 -18.09
N LYS B 449 30.74 -8.79 -19.16
CA LYS B 449 31.48 -7.93 -20.09
C LYS B 449 32.09 -6.67 -19.46
N GLY B 450 31.56 -6.26 -18.31
CA GLY B 450 32.11 -5.11 -17.60
C GLY B 450 33.56 -5.40 -17.24
N ASP B 451 33.91 -6.68 -17.14
CA ASP B 451 35.28 -7.09 -16.79
C ASP B 451 36.28 -6.48 -17.76
N LEU B 452 35.91 -6.42 -19.04
CA LEU B 452 36.74 -5.74 -20.02
C LEU B 452 36.59 -4.30 -19.52
N GLU B 453 37.61 -3.47 -19.65
CA GLU B 453 37.49 -2.11 -19.12
C GLU B 453 37.16 -1.12 -20.22
N GLU B 454 36.18 -1.46 -21.05
CA GLU B 454 35.83 -0.63 -22.19
C GLU B 454 34.84 0.49 -21.91
N TYR B 455 34.17 0.42 -20.77
CA TYR B 455 33.14 1.37 -20.42
C TYR B 455 33.34 2.05 -19.06
N GLY B 456 34.58 2.22 -18.63
CA GLY B 456 34.82 2.88 -17.36
C GLY B 456 34.37 2.06 -16.17
N GLN B 457 34.31 2.68 -15.00
CA GLN B 457 33.96 1.95 -13.79
C GLN B 457 32.47 1.66 -13.60
N ASP B 458 32.23 0.55 -12.91
CA ASP B 458 30.90 0.10 -12.58
C ASP B 458 30.30 1.14 -11.63
N LEU B 459 29.08 1.56 -11.89
CA LEU B 459 28.41 2.54 -11.02
C LEU B 459 27.79 1.87 -9.79
N LEU B 460 27.73 0.54 -9.77
CA LEU B 460 27.19 -0.17 -8.62
C LEU B 460 28.28 -0.20 -7.54
N HIS B 461 27.88 0.00 -6.30
CA HIS B 461 28.81 -0.02 -5.16
C HIS B 461 28.32 -1.03 -4.14
N THR B 462 29.24 -1.64 -3.39
CA THR B 462 28.85 -2.56 -2.33
C THR B 462 28.19 -1.75 -1.21
N VAL B 463 26.94 -2.07 -0.88
CA VAL B 463 26.23 -1.35 0.18
C VAL B 463 25.96 -2.23 1.38
N PHE B 464 26.05 -3.54 1.16
CA PHE B 464 25.82 -4.52 2.21
C PHE B 464 26.73 -5.72 1.97
N LYS B 465 27.38 -6.17 3.03
CA LYS B 465 28.23 -7.37 2.93
C LYS B 465 28.32 -8.04 4.29
N ASN B 466 27.94 -9.32 4.31
CA ASN B 466 28.02 -10.15 5.51
C ASN B 466 27.44 -9.51 6.78
N GLY B 467 26.21 -9.02 6.70
CA GLY B 467 25.55 -8.45 7.87
C GLY B 467 25.83 -7.00 8.17
N LYS B 468 26.71 -6.38 7.40
CA LYS B 468 27.03 -4.97 7.63
C LYS B 468 26.68 -4.07 6.46
N VAL B 469 26.19 -2.88 6.78
CA VAL B 469 25.89 -1.86 5.79
C VAL B 469 27.25 -1.21 5.53
N THR B 470 27.74 -1.31 4.31
CA THR B 470 29.10 -0.84 3.99
C THR B 470 29.18 0.54 3.37
N LYS B 471 28.07 1.05 2.89
CA LYS B 471 28.07 2.36 2.27
C LYS B 471 26.68 2.92 2.44
N SER B 472 26.59 4.13 2.98
CA SER B 472 25.30 4.76 3.21
C SER B 472 25.25 6.19 2.66
N TYR B 473 24.03 6.68 2.38
CA TYR B 473 23.83 8.02 1.83
C TYR B 473 22.95 8.86 2.74
N SER B 474 23.24 10.15 2.83
CA SER B 474 22.39 11.02 3.64
C SER B 474 21.22 11.44 2.76
N PHE B 475 20.14 11.90 3.39
CA PHE B 475 18.97 12.34 2.63
C PHE B 475 19.32 13.57 1.78
N ASP B 476 20.27 14.38 2.25
CA ASP B 476 20.69 15.57 1.50
C ASP B 476 21.38 15.15 0.19
N GLU B 477 22.21 14.11 0.25
CA GLU B 477 22.90 13.62 -0.95
C GLU B 477 21.88 13.08 -1.94
N ILE B 478 20.88 12.36 -1.42
CA ILE B 478 19.84 11.75 -2.27
C ILE B 478 19.03 12.82 -3.03
N ARG B 479 18.61 13.86 -2.33
CA ARG B 479 17.88 14.96 -2.98
C ARG B 479 18.74 15.58 -4.07
N LYS B 480 20.02 15.76 -3.78
CA LYS B 480 20.94 16.33 -4.75
C LYS B 480 21.00 15.45 -5.99
N ASN B 481 21.14 14.14 -5.79
CA ASN B 481 21.20 13.21 -6.93
C ASN B 481 19.93 13.23 -7.76
N ALA B 482 18.80 13.43 -7.09
CA ALA B 482 17.47 13.38 -7.72
C ALA B 482 16.97 14.68 -8.37
N GLN B 483 17.79 15.72 -8.30
CA GLN B 483 17.42 17.02 -8.84
C GLN B 483 17.01 16.99 -10.31
N LEU B 484 16.12 17.88 -10.70
CA LEU B 484 15.72 17.96 -12.10
C LEU B 484 16.87 18.63 -12.86
N ASN B 485 16.94 18.38 -14.15
CA ASN B 485 17.94 19.01 -15.01
C ASN B 485 17.62 20.51 -15.09
C1 7A0 C . -1.44 -24.06 -5.82
C1 7A0 C . -1.43 -24.17 -5.73
C2 7A0 C . -4.72 -25.93 -2.76
C2 7A0 C . -4.81 -25.88 -2.75
C3 7A0 C . 4.11 -18.52 -5.00
C3 7A0 C . 1.93 -18.61 -7.74
C4 7A0 C . -0.25 -23.38 -6.03
C4 7A0 C . -0.22 -23.52 -5.95
C5 7A0 C . -3.58 -25.21 -3.00
C5 7A0 C . -3.63 -25.19 -2.95
C6 7A0 C . 4.32 -17.28 -4.46
C6 7A0 C . 1.50 -17.36 -8.11
C7 7A0 C . -1.33 -23.60 -3.51
C7 7A0 C . -1.25 -23.78 -3.40
C8 7A0 C . 4.41 -17.63 -7.17
C8 7A0 C . 4.11 -17.73 -7.42
C9 7A0 C . -2.00 -24.18 -4.57
C9 7A0 C . -1.94 -24.31 -4.46
C10 7A0 C . -5.44 -26.39 -3.85
C10 7A0 C . -5.46 -26.34 -3.87
C11 7A0 C . 4.15 -18.70 -6.37
C11 7A0 C . 3.25 -18.79 -7.39
C12 7A0 C . 0.40 -22.81 -4.96
C12 7A0 C . 0.46 -23.00 -4.87
C13 7A0 C . -0.16 -22.92 -3.70
C13 7A0 C . -0.05 -23.13 -3.61
C14 7A0 C . -3.22 -24.95 -4.31
C14 7A0 C . -3.19 -25.01 -4.24
C15 7A0 C . -5.01 -26.11 -5.13
C15 7A0 C . -4.94 -26.13 -5.13
C16 7A0 C . 4.59 -16.22 -5.32
C16 7A0 C . 2.39 -16.32 -8.12
C17 7A0 C . -6.67 -27.16 -3.64
C17 7A0 C . -6.71 -27.08 -3.70
C18 7A0 C . 2.18 -21.60 -6.20
C18 7A0 C . 1.99 -21.63 -6.17
C19 7A0 C . -6.01 -33.15 -1.24
C19 7A0 C . -6.64 -33.11 -1.15
C20 7A0 C . -6.36 -32.03 -0.30
C20 7A0 C . -6.89 -31.91 -0.29
C21 7A0 C . -5.75 -32.62 -2.64
C21 7A0 C . -6.24 -32.69 -2.54
C22 7A0 C . -7.56 -31.25 -0.81
C22 7A0 C . -7.97 -31.06 -0.90
C23 7A0 C . -6.96 -31.85 -3.11
C23 7A0 C . -7.33 -31.83 -3.13
C33 7A0 C . 3.80 -14.03 -9.16
C33 7A0 C . 4.86 -13.44 -9.08
C32 7A0 C . 4.23 -15.44 -8.83
C32 7A0 C . 4.65 -14.92 -9.22
C34 7A0 C . 4.37 -13.18 -8.05
C34 7A0 C . 4.55 -13.12 -7.63
C31 7A0 C . 4.95 -15.31 -7.51
C31 7A0 C . 4.60 -15.42 -7.81
C24 7A0 C . -6.28 -26.61 -8.50
C24 7A0 C . -5.98 -26.45 -8.57
C25 7A0 C . 3.92 -20.06 -6.93
C25 7A0 C . 3.75 -20.15 -6.98
C35 7A0 C . 3.42 -12.07 -7.66
C35 7A0 C . 3.42 -12.11 -7.53
C26 7A0 C . -5.17 -26.50 -7.48
C26 7A0 C . -5.01 -26.22 -7.44
C27 7A0 C . -7.94 -28.42 -2.02
C27 7A0 C . -8.04 -28.32 -2.10
C28 7A0 C . -8.19 -29.77 -2.68
C28 7A0 C . -8.32 -29.59 -2.85
N29 7A0 C . -3.90 -25.40 -5.37
N29 7A0 C . -3.81 -25.46 -5.32
N30 7A0 C . 4.62 -16.43 -6.64
N30 7A0 C . 3.66 -16.52 -7.78
N31 7A0 C . 4.83 -14.96 -4.80
N31 7A0 C . 1.98 -15.04 -8.48
N32 7A0 C . 1.61 -22.10 -5.07
N32 7A0 C . 1.69 -22.36 -5.05
N33 7A0 C . -5.79 -26.63 -6.17
N33 7A0 C . -5.66 -26.65 -6.21
N34 7A0 C . -6.70 -27.84 -2.45
N34 7A0 C . -6.79 -27.76 -2.52
N35 7A0 C . 3.33 -20.91 -5.92
N35 7A0 C . 2.96 -20.68 -5.90
N36 7A0 C . -7.20 -30.74 -2.16
N36 7A0 C . -7.49 -30.66 -2.24
O1P 7A0 C . 2.75 -9.65 -10.07
O1P 7A0 C . 2.31 -9.79 -10.29
O2P 7A0 C . 2.13 -9.62 -7.60
O2P 7A0 C . 2.09 -9.33 -7.79
O37 7A0 C . -7.57 -27.14 -4.46
O37 7A0 C . -7.56 -27.04 -4.59
O38 7A0 C . 1.74 -21.72 -7.35
O38 7A0 C . 1.50 -21.79 -7.27
O3P 7A0 C . 0.52 -10.61 -9.29
O3P 7A0 C . 1.00 -11.38 -8.81
O34 7A0 C . 4.57 -14.06 -6.94
O34 7A0 C . 4.14 -14.33 -7.01
O33 7A0 C . 4.45 -13.69 -10.37
O33 7A0 C . 6.24 -13.19 -9.28
O32 7A0 C . 5.19 -15.82 -9.81
O32 7A0 C . 5.78 -15.49 -9.88
O35 7A0 C . 2.64 -11.77 -8.80
O35 7A0 C . 3.47 -11.23 -8.63
F39 7A0 C . 0.47 -22.36 -2.65
F39 7A0 C . 0.63 -22.64 -2.56
P 7A0 C . 1.96 -10.30 -8.95
P 7A0 C . 2.11 -10.36 -8.90
P1 DPO D . -14.22 13.27 1.40
O1 DPO D . -14.48 11.79 1.33
O2 DPO D . -15.40 14.09 1.85
O3 DPO D . -13.48 13.89 0.23
O4 DPO D . -13.13 13.41 2.61
P2 DPO D . -11.89 12.41 2.92
O5 DPO D . -12.65 11.14 3.27
O6 DPO D . -11.15 12.38 1.60
O7 DPO D . -11.09 12.99 4.05
C1 7A0 E . -0.73 24.75 1.53
C1 7A0 E . -0.66 24.83 1.61
C2 7A0 E . 3.88 26.19 1.00
C2 7A0 E . 3.92 26.16 0.93
C3 7A0 E . -4.03 18.54 5.09
C3 7A0 E . -4.91 19.56 1.85
C4 7A0 E . -1.68 24.01 2.21
C4 7A0 E . -1.61 24.12 2.30
C5 7A0 E . 2.93 25.41 1.61
C5 7A0 E . 3.00 25.41 1.61
C6 7A0 E . -3.90 17.18 5.27
C6 7A0 E . -5.12 18.50 1.00
C7 7A0 E . 1.00 23.76 2.79
C7 7A0 E . 1.05 23.90 2.97
C8 7A0 E . -6.05 18.17 3.90
C8 7A0 E . -6.05 18.36 3.54
C9 7A0 E . 0.62 24.64 1.81
C9 7A0 E . 0.68 24.72 1.94
C10 7A0 E . 3.47 26.99 -0.05
C10 7A0 E . 3.46 26.97 -0.08
C11 7A0 E . -5.11 19.03 4.41
C11 7A0 E . -5.39 19.48 3.14
C12 7A0 E . -1.28 23.12 3.18
C12 7A0 E . -1.23 23.28 3.32
C13 7A0 E . 0.07 23.00 3.46
C13 7A0 E . 0.10 23.18 3.65
C14 7A0 E . 1.63 25.46 1.16
C14 7A0 E . 1.68 25.49 1.23
C15 7A0 E . 2.16 27.01 -0.45
C15 7A0 E . 2.13 27.01 -0.40
C16 7A0 E . -4.86 16.35 4.75
C16 7A0 E . -5.79 17.39 1.45
C17 7A0 E . 4.45 27.83 -0.73
C17 7A0 E . 4.41 27.79 -0.82
C18 7A0 E . -3.49 22.04 3.62
C18 7A0 E . -3.34 22.07 3.50
C19 7A0 E . 6.75 32.99 2.48
C19 7A0 E . 7.21 33.02 2.00
C20 7A0 E . 7.56 31.71 2.45
C20 7A0 E . 7.88 31.67 2.01
C21 7A0 E . 5.42 32.77 1.80
C21 7A0 E . 5.79 32.88 1.47
C22 7A0 E . 7.75 31.23 1.03
C22 7A0 E . 7.91 31.10 0.61
C23 7A0 E . 5.64 32.28 0.38
C23 7A0 E . 5.84 32.31 0.07
C33 7A0 E . -7.76 15.28 1.46
C33 7A0 E . -8.39 14.55 2.23
C32 7A0 E . -7.55 16.49 2.32
C32 7A0 E . -8.18 16.03 2.33
C34 7A0 E . -7.31 14.11 2.32
C34 7A0 E . -7.08 13.93 2.66
C31 7A0 E . -6.92 15.95 3.58
C31 7A0 E . -6.94 16.17 3.18
C24 7A0 E . 0.24 28.42 -3.21
C24 7A0 E . 0.00 28.26 -3.05
C25 7A0 E . -5.26 20.51 4.23
C25 7A0 E . -5.19 20.62 4.09
C35 7A0 E . -6.59 13.06 1.48
C35 7A0 E . -6.48 13.07 1.57
C26 7A0 E . 0.42 27.95 -1.79
C26 7A0 E . 0.33 27.65 -1.71
C27 7A0 E . 6.67 28.83 -0.55
C27 7A0 E . 6.63 28.76 -0.71
C28 7A0 E . 6.44 30.30 -0.83
C28 7A0 E . 6.35 30.20 -1.07
N29 7A0 E . 1.23 26.24 0.14
N29 7A0 E . 1.22 26.27 0.25
N30 7A0 E . -5.89 16.85 4.07
N30 7A0 E . -6.23 17.35 2.70
N31 7A0 E . -4.76 14.96 4.92
N31 7A0 E . -6.00 16.29 0.61
N32 7A0 E . -2.17 22.32 3.92
N32 7A0 E . -2.16 22.55 4.06
N33 7A0 E . 1.84 27.86 -1.53
N33 7A0 E . 1.74 27.86 -1.45
N34 7A0 E . 5.50 28.22 0.07
N34 7A0 E . 5.49 28.17 -0.07
N35 7A0 E . -4.02 21.17 4.53
N35 7A0 E . -3.81 20.98 4.20
N36 7A0 E . 6.40 31.01 0.47
N36 7A0 E . 6.50 30.98 0.17
O1P 7A0 E . -8.46 11.42 -0.95
O1P 7A0 E . -8.37 11.65 -1.38
O2P 7A0 E . -6.14 10.86 -0.11
O2P 7A0 E . -6.29 10.64 -0.34
O37 7A0 E . 4.32 28.13 -1.91
O37 7A0 E . 4.20 28.07 -2.00
O38 7A0 E . -4.11 22.50 2.67
O38 7A0 E . -3.90 22.55 2.53
O3P 7A0 E . -6.42 12.42 -2.08
O3P 7A0 E . -6.23 13.00 -1.27
O34 7A0 E . -6.41 14.66 3.27
O34 7A0 E . -6.17 14.99 2.96
O33 7A0 E . -9.15 15.15 1.26
O33 7A0 E . -9.38 14.20 3.17
O32 7A0 E . -8.83 16.99 2.66
O32 7A0 E . -9.28 16.61 3.02
O35 7A0 E . -7.10 13.16 0.16
O35 7A0 E . -7.52 12.49 0.80
F39 7A0 E . 0.47 22.14 4.41
F39 7A0 E . 0.47 22.38 4.66
P 7A0 E . -7.02 11.86 -0.82
P 7A0 E . -7.06 11.89 -0.66
P1 DPO F . 7.77 -11.28 -11.19
O1 DPO F . 8.13 -12.47 -10.35
O2 DPO F . 6.28 -11.08 -11.37
O3 DPO F . 8.57 -10.04 -10.90
O4 DPO F . 8.30 -11.66 -12.70
P2 DPO F . 7.72 -11.13 -14.13
O5 DPO F . 6.38 -11.81 -14.22
O6 DPO F . 8.73 -11.58 -15.18
O7 DPO F . 7.66 -9.63 -13.90
#